data_8V1X
#
_entry.id   8V1X
#
_cell.length_a   49.635
_cell.length_b   103.546
_cell.length_c   148.316
_cell.angle_alpha   90.000
_cell.angle_beta   90.000
_cell.angle_gamma   90.000
#
_symmetry.space_group_name_H-M   'P 21 21 21'
#
loop_
_entity.id
_entity.type
_entity.pdbx_description
1 polymer 'Type I polyketide synthase'
2 non-polymer 'NADPH DIHYDRO-NICOTINAMIDE-ADENINE-DINUCLEOTIDE PHOSPHATE'
3 non-polymer GLYCEROL
4 non-polymer 2-[BIS-(2-HYDROXY-ETHYL)-AMINO]-2-HYDROXYMETHYL-PROPANE-1,3-DIOL
5 water water
#
_entity_poly.entity_id   1
_entity_poly.type   'polypeptide(L)'
_entity_poly.pdbx_seq_one_letter_code
;RAELSADGSASRPGVDFAAEVRLADDVRPADEVITTAADPKEILLTGASGFLGAFLLRDLMRTTTARVHCLVRGADEAAA
MERLKANAEWYRVWDDIDPERVSVVLGDLAEPRLGLDEESFDALARTVDVVYHNGARVHWLLPYETLKASNVTGTEEVLR
LAARHRTVPVHYVSTVGVFDGVREPGVPLRVTDPTGPAESLPSGYLRSKWVAEQVIEVARDRGLPVSVYRVDVISGDRVN
GACQTRDFVWLTLKGLIQARSVPKGTEGRFHLLPVDYVSAAITGISRQPGTVGRTFHLFNQSSLALSQCVELLRSLGYEL
DEVDWDTWTQVVTSGDNALLPLLDAFEMMTSDTDGFYPPIDTAETVAALEGTGIGIPVLTRELFEKYVAFFVEEGHFPAA
G
;
_entity_poly.pdbx_strand_id   A,B
#
loop_
_chem_comp.id
_chem_comp.type
_chem_comp.name
_chem_comp.formula
BTB non-polymer 2-[BIS-(2-HYDROXY-ETHYL)-AMINO]-2-HYDROXYMETHYL-PROPANE-1,3-DIOL 'C8 H19 N O5'
GOL non-polymer GLYCEROL 'C3 H8 O3'
NDP non-polymer 'NADPH DIHYDRO-NICOTINAMIDE-ADENINE-DINUCLEOTIDE PHOSPHATE' 'C21 H30 N7 O17 P3'
#
# COMPACT_ATOMS: atom_id res chain seq x y z
N GLY A 14 20.10 27.96 -33.37
CA GLY A 14 19.42 26.70 -33.11
C GLY A 14 20.37 25.66 -32.55
N VAL A 15 19.89 24.88 -31.58
CA VAL A 15 20.68 23.85 -30.95
C VAL A 15 20.63 22.58 -31.81
N ASP A 16 21.79 21.96 -32.02
CA ASP A 16 21.90 20.70 -32.74
C ASP A 16 21.68 19.59 -31.74
N PHE A 17 20.41 19.19 -31.57
CA PHE A 17 20.08 18.28 -30.48
C PHE A 17 20.60 16.89 -30.76
N ALA A 18 20.75 16.52 -32.04
CA ALA A 18 21.33 15.22 -32.35
C ALA A 18 22.76 15.18 -31.86
N ALA A 19 23.44 16.31 -31.88
CA ALA A 19 24.82 16.37 -31.43
C ALA A 19 24.91 16.45 -29.93
N GLU A 20 23.84 16.92 -29.26
CA GLU A 20 23.87 16.97 -27.81
C GLU A 20 23.77 15.60 -27.17
N VAL A 21 23.29 14.59 -27.90
CA VAL A 21 23.15 13.25 -27.37
C VAL A 21 24.50 12.58 -27.47
N ARG A 22 25.32 12.73 -26.44
CA ARG A 22 26.62 12.09 -26.38
C ARG A 22 26.95 11.85 -24.93
N LEU A 23 27.61 10.74 -24.63
CA LEU A 23 28.06 10.42 -23.29
C LEU A 23 29.57 10.33 -23.36
N ALA A 24 30.25 11.03 -22.47
CA ALA A 24 31.70 11.00 -22.44
C ALA A 24 32.21 9.57 -22.40
N ASP A 25 33.22 9.30 -23.21
CA ASP A 25 33.69 7.92 -23.43
C ASP A 25 34.32 7.29 -22.19
N ASP A 26 34.57 8.06 -21.13
CA ASP A 26 35.09 7.48 -19.90
C ASP A 26 34.00 6.90 -19.02
N VAL A 27 32.74 7.10 -19.39
CA VAL A 27 31.63 6.66 -18.55
C VAL A 27 31.27 5.28 -19.03
N ARG A 28 31.83 4.28 -18.37
CA ARG A 28 31.72 2.90 -18.81
C ARG A 28 31.68 2.00 -17.59
N PRO A 29 31.23 0.76 -17.74
CA PRO A 29 31.13 -0.08 -16.55
C PRO A 29 32.52 -0.42 -16.02
N ALA A 30 32.65 -0.43 -14.71
CA ALA A 30 33.84 -0.95 -14.05
C ALA A 30 33.89 -2.48 -14.17
N ASP A 31 34.95 -3.07 -13.67
CA ASP A 31 35.01 -4.52 -13.69
C ASP A 31 33.87 -5.13 -12.91
N GLU A 32 33.49 -4.52 -11.80
CA GLU A 32 32.38 -4.96 -10.97
C GLU A 32 31.15 -4.10 -11.28
N VAL A 33 30.08 -4.77 -11.70
CA VAL A 33 28.82 -4.11 -12.02
C VAL A 33 27.75 -4.73 -11.15
N ILE A 34 27.19 -3.95 -10.24
CA ILE A 34 26.06 -4.36 -9.40
C ILE A 34 24.78 -3.82 -10.02
N THR A 35 23.80 -4.69 -10.24
CA THR A 35 22.56 -4.30 -10.90
C THR A 35 21.39 -4.14 -9.96
N THR A 36 21.46 -4.69 -8.75
CA THR A 36 20.42 -4.50 -7.75
C THR A 36 20.98 -3.77 -6.54
N ALA A 37 20.08 -3.29 -5.69
CA ALA A 37 20.44 -2.67 -4.43
C ALA A 37 19.42 -3.05 -3.36
N ALA A 38 19.36 -4.34 -3.05
CA ALA A 38 18.61 -4.81 -1.92
C ALA A 38 19.40 -4.51 -0.66
N ASP A 39 18.75 -3.98 0.35
CA ASP A 39 19.38 -3.70 1.64
C ASP A 39 20.60 -2.83 1.44
N PRO A 40 20.48 -1.70 0.77
CA PRO A 40 21.65 -0.84 0.57
C PRO A 40 22.13 -0.27 1.89
N LYS A 41 23.46 -0.04 1.97
CA LYS A 41 24.05 0.59 3.14
C LYS A 41 24.43 2.05 2.95
N GLU A 42 24.73 2.46 1.71
CA GLU A 42 25.09 3.84 1.37
C GLU A 42 24.35 4.27 0.12
N ILE A 43 23.60 5.35 0.20
CA ILE A 43 22.79 5.80 -0.93
C ILE A 43 23.19 7.22 -1.24
N LEU A 44 23.27 7.55 -2.53
CA LEU A 44 23.39 8.94 -2.96
C LEU A 44 22.05 9.42 -3.53
N LEU A 45 21.52 10.51 -2.97
CA LEU A 45 20.29 11.13 -3.43
C LEU A 45 20.58 12.57 -3.86
N THR A 46 20.24 12.89 -5.10
CA THR A 46 20.33 14.27 -5.56
C THR A 46 18.93 14.93 -5.49
N GLY A 47 18.91 16.23 -5.22
CA GLY A 47 17.63 16.91 -5.21
C GLY A 47 16.89 16.73 -3.90
N ALA A 48 17.58 16.32 -2.83
CA ALA A 48 16.89 16.12 -1.55
C ALA A 48 16.38 17.41 -0.93
N SER A 49 16.90 18.56 -1.35
CA SER A 49 16.43 19.84 -0.85
C SER A 49 15.21 20.37 -1.61
N GLY A 50 14.60 19.56 -2.49
CA GLY A 50 13.43 19.91 -3.23
C GLY A 50 12.18 19.15 -2.82
N PHE A 51 11.17 19.20 -3.70
CA PHE A 51 9.84 18.69 -3.43
C PHE A 51 9.84 17.18 -3.39
N LEU A 52 9.97 16.53 -4.54
CA LEU A 52 10.01 15.07 -4.54
C LEU A 52 11.17 14.57 -3.70
N GLY A 53 12.27 15.34 -3.61
CA GLY A 53 13.45 14.80 -2.98
C GLY A 53 13.26 14.65 -1.50
N ALA A 54 12.45 15.52 -0.90
CA ALA A 54 12.18 15.42 0.52
C ALA A 54 11.45 14.12 0.78
N PHE A 55 10.51 13.76 -0.11
CA PHE A 55 9.75 12.52 0.07
C PHE A 55 10.57 11.29 -0.30
N LEU A 56 11.47 11.40 -1.27
CA LEU A 56 12.38 10.30 -1.55
C LEU A 56 13.27 10.04 -0.36
N LEU A 57 13.78 11.11 0.25
CA LEU A 57 14.60 10.98 1.44
C LEU A 57 13.82 10.30 2.56
N ARG A 58 12.60 10.77 2.83
CA ARG A 58 11.80 10.12 3.86
C ARG A 58 11.58 8.63 3.56
N ASP A 59 11.24 8.30 2.32
CA ASP A 59 10.90 6.91 2.01
C ASP A 59 12.14 6.04 2.07
N LEU A 60 13.32 6.57 1.74
CA LEU A 60 14.53 5.75 1.88
C LEU A 60 14.83 5.52 3.34
N MET A 61 14.54 6.48 4.20
CA MET A 61 14.65 6.25 5.63
C MET A 61 13.73 5.12 6.07
N ARG A 62 12.52 5.05 5.50
CA ARG A 62 11.54 4.07 5.96
C ARG A 62 11.75 2.69 5.35
N THR A 63 12.45 2.59 4.23
CA THR A 63 12.52 1.37 3.46
C THR A 63 13.91 0.78 3.37
N THR A 64 14.89 1.40 4.01
CA THR A 64 16.24 0.85 4.08
C THR A 64 16.80 1.15 5.46
N THR A 65 17.96 0.57 5.76
CA THR A 65 18.75 0.99 6.91
C THR A 65 19.97 1.82 6.51
N ALA A 66 19.98 2.32 5.29
CA ALA A 66 21.15 2.95 4.70
C ALA A 66 21.37 4.38 5.21
N ARG A 67 22.62 4.80 5.19
CA ARG A 67 22.94 6.23 5.23
C ARG A 67 22.65 6.84 3.87
N VAL A 68 22.09 8.03 3.86
CA VAL A 68 21.67 8.67 2.61
C VAL A 68 22.52 9.93 2.48
N HIS A 69 23.48 9.89 1.57
CA HIS A 69 24.29 11.05 1.20
C HIS A 69 23.47 11.91 0.26
N CYS A 70 23.26 13.16 0.66
CA CYS A 70 22.43 14.12 -0.06
C CYS A 70 23.31 15.20 -0.67
N LEU A 71 23.39 15.23 -2.00
CA LEU A 71 24.08 16.31 -2.70
C LEU A 71 23.27 17.58 -2.58
N VAL A 72 23.82 18.59 -1.93
CA VAL A 72 23.17 19.86 -1.67
C VAL A 72 24.16 20.99 -1.94
N ARG A 73 23.70 22.03 -2.64
CA ARG A 73 24.48 23.25 -2.82
C ARG A 73 24.50 24.10 -1.56
N GLY A 74 25.63 24.77 -1.32
CA GLY A 74 25.70 25.68 -0.19
C GLY A 74 27.11 26.11 0.10
N ALA A 75 27.21 27.10 0.99
CA ALA A 75 28.48 27.65 1.39
C ALA A 75 29.28 26.64 2.20
N ASP A 76 28.64 25.98 3.15
CA ASP A 76 29.28 24.96 3.98
C ASP A 76 28.25 23.91 4.33
N GLU A 77 28.74 22.80 4.87
CA GLU A 77 27.88 21.67 5.20
C GLU A 77 26.78 22.07 6.16
N ALA A 78 27.10 22.87 7.19
CA ALA A 78 26.09 23.26 8.17
C ALA A 78 24.98 24.08 7.53
N ALA A 79 25.33 25.03 6.67
CA ALA A 79 24.30 25.79 5.96
C ALA A 79 23.49 24.91 5.01
N ALA A 80 24.18 24.01 4.29
CA ALA A 80 23.45 23.08 3.43
C ALA A 80 22.51 22.19 4.22
N MET A 81 22.98 21.67 5.36
CA MET A 81 22.11 20.85 6.21
C MET A 81 20.87 21.62 6.62
N GLU A 82 21.02 22.89 7.02
CA GLU A 82 19.86 23.69 7.44
C GLU A 82 18.91 23.91 6.28
N ARG A 83 19.42 24.07 5.06
CA ARG A 83 18.54 24.16 3.90
C ARG A 83 17.77 22.85 3.71
N LEU A 84 18.46 21.72 3.69
CA LEU A 84 17.78 20.45 3.60
C LEU A 84 16.72 20.33 4.69
N LYS A 85 17.07 20.68 5.93
CA LYS A 85 16.13 20.56 7.04
C LYS A 85 14.91 21.44 6.82
N ALA A 86 15.16 22.71 6.51
CA ALA A 86 14.03 23.63 6.38
C ALA A 86 13.10 23.20 5.26
N ASN A 87 13.64 22.68 4.17
CA ASN A 87 12.78 22.16 3.11
C ASN A 87 11.92 21.00 3.63
N ALA A 88 12.54 20.05 4.33
CA ALA A 88 11.81 18.89 4.83
C ALA A 88 10.75 19.34 5.84
N GLU A 89 11.07 20.34 6.66
CA GLU A 89 10.10 20.83 7.63
C GLU A 89 8.94 21.52 6.93
N TRP A 90 9.20 22.24 5.83
CA TRP A 90 8.12 22.87 5.10
C TRP A 90 7.16 21.84 4.54
N TYR A 91 7.72 20.77 4.00
CA TYR A 91 6.89 19.66 3.51
C TYR A 91 6.45 18.71 4.62
N ARG A 92 6.87 19.00 5.87
CA ARG A 92 6.33 18.31 7.03
C ARG A 92 6.74 16.85 7.04
N VAL A 93 7.93 16.56 6.51
CA VAL A 93 8.50 15.22 6.58
C VAL A 93 9.78 15.12 7.40
N TRP A 94 10.30 16.23 7.90
CA TRP A 94 11.55 16.15 8.64
C TRP A 94 11.40 15.28 9.86
N ASP A 95 10.25 15.36 10.52
CA ASP A 95 10.02 14.53 11.71
C ASP A 95 10.08 13.04 11.37
N ASP A 96 9.84 12.69 10.11
CA ASP A 96 9.91 11.29 9.70
C ASP A 96 11.31 10.91 9.25
N ILE A 97 12.25 11.83 9.26
CA ILE A 97 13.61 11.57 8.80
C ILE A 97 14.50 11.43 10.02
N ASP A 98 15.48 10.52 9.92
CA ASP A 98 16.47 10.28 10.97
C ASP A 98 17.71 11.09 10.65
N PRO A 99 17.93 12.24 11.29
CA PRO A 99 19.09 13.09 10.90
C PRO A 99 20.43 12.38 11.04
N GLU A 100 20.53 11.43 11.97
CA GLU A 100 21.76 10.66 12.10
C GLU A 100 22.09 9.86 10.85
N ARG A 101 21.12 9.57 10.00
CA ARG A 101 21.34 8.89 8.74
C ARG A 101 21.46 9.83 7.54
N VAL A 102 21.35 11.12 7.77
CA VAL A 102 21.50 12.09 6.69
C VAL A 102 22.93 12.58 6.69
N SER A 103 23.60 12.46 5.54
CA SER A 103 24.95 12.96 5.35
C SER A 103 24.94 13.96 4.20
N VAL A 104 25.24 15.22 4.50
CA VAL A 104 25.27 16.24 3.48
C VAL A 104 26.58 16.12 2.68
N VAL A 105 26.46 16.07 1.37
CA VAL A 105 27.57 16.11 0.44
C VAL A 105 27.50 17.48 -0.24
N LEU A 106 28.37 18.39 0.16
CA LEU A 106 28.42 19.72 -0.47
C LEU A 106 28.88 19.57 -1.89
N GLY A 107 28.06 20.03 -2.84
CA GLY A 107 28.43 19.98 -4.24
C GLY A 107 27.38 20.64 -5.13
N ASP A 108 27.51 20.44 -6.43
CA ASP A 108 26.70 21.18 -7.39
C ASP A 108 26.60 20.36 -8.66
N LEU A 109 25.36 20.05 -9.05
CA LEU A 109 25.14 19.26 -10.26
C LEU A 109 25.72 19.95 -11.48
N ALA A 110 25.86 21.27 -11.42
CA ALA A 110 26.28 22.06 -12.59
C ALA A 110 27.79 22.22 -12.68
N GLU A 111 28.55 21.56 -11.87
CA GLU A 111 29.99 21.71 -12.01
C GLU A 111 30.71 20.38 -12.04
N PRO A 112 31.95 20.38 -12.52
CA PRO A 112 32.61 19.11 -12.84
C PRO A 112 32.73 18.23 -11.61
N ARG A 113 32.47 16.92 -11.84
CA ARG A 113 32.54 15.93 -10.78
C ARG A 113 31.67 16.35 -9.61
N LEU A 114 30.53 16.96 -9.95
CA LEU A 114 29.52 17.36 -8.98
C LEU A 114 30.05 18.32 -7.92
N GLY A 115 31.10 19.05 -8.29
CA GLY A 115 31.65 20.01 -7.36
C GLY A 115 32.36 19.40 -6.19
N LEU A 116 32.57 18.09 -6.23
CA LEU A 116 33.24 17.40 -5.14
C LEU A 116 34.75 17.50 -5.26
N ASP A 117 35.44 17.32 -4.13
CA ASP A 117 36.88 17.15 -4.17
C ASP A 117 37.20 15.69 -4.50
N GLU A 118 38.47 15.41 -4.76
CA GLU A 118 38.85 14.07 -5.21
C GLU A 118 38.45 13.03 -4.16
N GLU A 119 38.81 13.28 -2.91
CA GLU A 119 38.53 12.31 -1.86
C GLU A 119 37.04 11.97 -1.82
N SER A 120 36.16 12.98 -1.92
CA SER A 120 34.73 12.69 -1.78
C SER A 120 34.17 11.99 -3.02
N PHE A 121 34.58 12.44 -4.19
CA PHE A 121 34.15 11.80 -5.42
C PHE A 121 34.55 10.33 -5.41
N ASP A 122 35.85 10.05 -5.15
CA ASP A 122 36.32 8.66 -5.15
C ASP A 122 35.58 7.82 -4.13
N ALA A 123 35.38 8.36 -2.93
CA ALA A 123 34.76 7.56 -1.88
C ALA A 123 33.30 7.25 -2.22
N LEU A 124 32.57 8.21 -2.77
CA LEU A 124 31.20 7.93 -3.15
C LEU A 124 31.19 6.98 -4.34
N ALA A 125 32.11 7.16 -5.28
CA ALA A 125 32.11 6.30 -6.44
C ALA A 125 32.36 4.88 -6.04
N ARG A 126 33.16 4.67 -4.98
CA ARG A 126 33.55 3.32 -4.56
C ARG A 126 32.53 2.68 -3.63
N THR A 127 31.80 3.48 -2.84
CA THR A 127 31.01 2.93 -1.74
C THR A 127 29.50 3.13 -1.84
N VAL A 128 29.00 4.05 -2.66
CA VAL A 128 27.55 4.17 -2.74
C VAL A 128 27.01 2.92 -3.45
N ASP A 129 25.97 2.35 -2.89
CA ASP A 129 25.35 1.14 -3.40
C ASP A 129 24.30 1.41 -4.49
N VAL A 130 23.76 2.62 -4.55
CA VAL A 130 22.68 2.97 -5.47
C VAL A 130 22.52 4.46 -5.48
N VAL A 131 22.16 5.02 -6.63
CA VAL A 131 21.98 6.45 -6.79
C VAL A 131 20.54 6.71 -7.18
N TYR A 132 19.89 7.69 -6.53
CA TYR A 132 18.60 8.22 -6.97
C TYR A 132 18.87 9.62 -7.47
N HIS A 133 18.85 9.76 -8.80
CA HIS A 133 19.20 11.02 -9.44
C HIS A 133 17.92 11.82 -9.73
N ASN A 134 17.48 12.54 -8.73
CA ASN A 134 16.24 13.28 -8.70
C ASN A 134 16.46 14.79 -8.89
N GLY A 135 17.64 15.29 -8.55
CA GLY A 135 17.88 16.71 -8.66
C GLY A 135 17.95 17.15 -10.12
N ALA A 136 17.41 18.34 -10.34
CA ALA A 136 17.43 18.99 -11.64
C ALA A 136 16.95 20.41 -11.43
N ARG A 137 17.22 21.27 -12.41
CA ARG A 137 16.69 22.63 -12.40
C ARG A 137 15.39 22.68 -13.18
N VAL A 138 14.27 22.88 -12.48
CA VAL A 138 12.96 22.83 -13.10
C VAL A 138 12.49 24.26 -13.27
N HIS A 139 12.67 24.80 -14.45
CA HIS A 139 12.25 26.17 -14.76
C HIS A 139 11.56 26.12 -16.11
N TRP A 140 10.32 26.58 -16.16
CA TRP A 140 9.48 26.37 -17.31
C TRP A 140 9.82 27.29 -18.46
N LEU A 141 10.65 28.32 -18.24
CA LEU A 141 10.97 29.27 -19.30
C LEU A 141 12.42 29.23 -19.74
N LEU A 142 13.36 28.87 -18.88
CA LEU A 142 14.76 29.02 -19.23
C LEU A 142 15.09 28.15 -20.45
N PRO A 143 15.97 28.62 -21.34
CA PRO A 143 16.29 27.84 -22.55
C PRO A 143 17.16 26.63 -22.22
N TYR A 144 17.19 25.71 -23.17
CA TYR A 144 18.01 24.51 -22.99
C TYR A 144 19.45 24.87 -22.63
N GLU A 145 20.01 25.86 -23.32
CA GLU A 145 21.42 26.19 -23.12
C GLU A 145 21.74 26.49 -21.66
N THR A 146 20.81 27.11 -20.96
CA THR A 146 21.04 27.51 -19.58
C THR A 146 20.86 26.36 -18.63
N LEU A 147 20.00 25.39 -18.97
CA LEU A 147 19.68 24.26 -18.11
C LEU A 147 20.57 23.06 -18.41
N LYS A 148 21.38 23.11 -19.45
CA LYS A 148 22.17 21.94 -19.81
C LYS A 148 23.11 21.53 -18.68
N ALA A 149 23.80 22.49 -18.07
CA ALA A 149 24.82 22.11 -17.10
C ALA A 149 24.23 21.30 -15.93
N SER A 150 23.09 21.74 -15.39
CA SER A 150 22.50 21.03 -14.26
C SER A 150 21.81 19.74 -14.69
N ASN A 151 21.17 19.77 -15.85
CA ASN A 151 20.21 18.71 -16.16
C ASN A 151 20.80 17.65 -17.07
N VAL A 152 21.70 18.02 -17.96
CA VAL A 152 22.36 17.09 -18.85
C VAL A 152 23.74 16.75 -18.34
N THR A 153 24.63 17.76 -18.30
CA THR A 153 25.99 17.45 -17.83
C THR A 153 25.97 16.90 -16.40
N GLY A 154 25.09 17.45 -15.57
CA GLY A 154 24.93 16.95 -14.21
C GLY A 154 24.52 15.48 -14.21
N THR A 155 23.68 15.09 -15.15
CA THR A 155 23.30 13.70 -15.23
C THR A 155 24.48 12.86 -15.68
N GLU A 156 25.23 13.33 -16.68
CA GLU A 156 26.44 12.64 -17.06
C GLU A 156 27.39 12.50 -15.86
N GLU A 157 27.51 13.55 -15.02
CA GLU A 157 28.41 13.44 -13.88
C GLU A 157 27.91 12.43 -12.85
N VAL A 158 26.60 12.37 -12.66
CA VAL A 158 26.06 11.37 -11.77
C VAL A 158 26.33 9.97 -12.32
N LEU A 159 26.15 9.79 -13.63
CA LEU A 159 26.44 8.50 -14.24
C LEU A 159 27.92 8.15 -14.12
N ARG A 160 28.79 9.17 -14.26
CA ARG A 160 30.22 8.95 -14.12
C ARG A 160 30.52 8.40 -12.75
N LEU A 161 29.99 9.04 -11.71
CA LEU A 161 30.23 8.61 -10.34
C LEU A 161 29.70 7.20 -10.10
N ALA A 162 28.49 6.93 -10.57
CA ALA A 162 27.92 5.62 -10.31
C ALA A 162 28.74 4.53 -10.99
N ALA A 163 29.25 4.84 -12.18
CA ALA A 163 29.96 3.83 -12.96
C ALA A 163 31.37 3.57 -12.46
N ARG A 164 32.03 4.60 -11.99
CA ARG A 164 33.47 4.52 -11.77
C ARG A 164 33.79 3.66 -10.56
N HIS A 165 34.88 2.87 -10.69
CA HIS A 165 35.47 2.03 -9.64
C HIS A 165 34.66 0.78 -9.33
N ARG A 166 33.39 0.97 -8.97
CA ARG A 166 32.39 -0.08 -8.88
C ARG A 166 31.10 0.48 -9.44
N THR A 167 30.49 -0.22 -10.41
CA THR A 167 29.31 0.29 -11.11
C THR A 167 28.07 -0.08 -10.32
N VAL A 168 27.26 0.90 -9.96
CA VAL A 168 26.03 0.63 -9.22
C VAL A 168 24.86 1.30 -9.93
N PRO A 169 23.65 0.88 -9.62
CA PRO A 169 22.50 1.40 -10.39
C PRO A 169 22.19 2.86 -10.14
N VAL A 170 21.65 3.51 -11.18
CA VAL A 170 21.14 4.87 -11.08
C VAL A 170 19.66 4.80 -11.36
N HIS A 171 18.87 5.43 -10.49
CA HIS A 171 17.43 5.59 -10.69
C HIS A 171 17.17 7.06 -10.97
N TYR A 172 16.82 7.35 -12.23
CA TYR A 172 16.74 8.70 -12.76
C TYR A 172 15.30 9.18 -12.88
N VAL A 173 15.01 10.33 -12.30
CA VAL A 173 13.65 10.86 -12.31
C VAL A 173 13.53 11.69 -13.57
N SER A 174 12.57 11.30 -14.42
CA SER A 174 12.27 12.07 -15.63
C SER A 174 10.82 12.50 -15.68
N THR A 175 10.32 12.85 -16.87
CA THR A 175 8.98 13.42 -16.99
C THR A 175 8.27 12.85 -18.21
N VAL A 176 6.96 12.63 -18.10
CA VAL A 176 6.21 12.22 -19.28
C VAL A 176 6.22 13.30 -20.35
N GLY A 177 6.72 14.50 -20.01
CA GLY A 177 6.79 15.59 -20.96
C GLY A 177 7.81 15.42 -22.05
N VAL A 178 8.65 14.39 -21.98
CA VAL A 178 9.58 14.12 -23.06
C VAL A 178 8.87 13.66 -24.31
N PHE A 179 7.58 13.33 -24.19
CA PHE A 179 6.80 12.92 -25.36
C PHE A 179 6.18 14.14 -26.02
N ASP A 180 6.17 14.15 -27.35
CA ASP A 180 5.44 15.16 -28.11
C ASP A 180 4.07 14.63 -28.46
N GLY A 181 3.19 14.58 -27.49
CA GLY A 181 1.87 14.12 -27.78
C GLY A 181 1.85 12.62 -28.07
N VAL A 182 0.68 12.18 -28.53
CA VAL A 182 0.41 10.76 -28.67
C VAL A 182 1.01 10.22 -29.97
N ARG A 183 1.48 8.97 -29.92
CA ARG A 183 2.00 8.32 -31.12
C ARG A 183 0.87 8.01 -32.09
N GLU A 184 -0.09 7.19 -31.67
CA GLU A 184 -1.30 6.93 -32.43
C GLU A 184 -2.50 7.41 -31.61
N PRO A 185 -3.40 8.19 -32.20
CA PRO A 185 -4.51 8.75 -31.42
C PRO A 185 -5.20 7.71 -30.56
N GLY A 186 -5.45 8.09 -29.31
CA GLY A 186 -6.17 7.24 -28.39
C GLY A 186 -5.38 6.09 -27.81
N VAL A 187 -4.16 5.86 -28.26
CA VAL A 187 -3.34 4.77 -27.78
C VAL A 187 -2.45 5.31 -26.65
N PRO A 188 -2.52 4.76 -25.45
CA PRO A 188 -1.64 5.23 -24.40
C PRO A 188 -0.17 5.10 -24.79
N LEU A 189 0.60 6.14 -24.45
CA LEU A 189 2.02 6.14 -24.76
C LEU A 189 2.77 5.09 -23.95
N ARG A 190 3.61 4.30 -24.63
CA ARG A 190 4.30 3.17 -24.04
C ARG A 190 5.71 3.59 -23.64
N VAL A 191 6.25 2.85 -22.67
CA VAL A 191 7.58 3.22 -22.20
C VAL A 191 8.60 3.07 -23.32
N THR A 192 8.34 2.22 -24.29
CA THR A 192 9.25 1.99 -25.40
C THR A 192 9.02 2.93 -26.57
N ASP A 193 7.98 3.76 -26.53
CA ASP A 193 7.68 4.57 -27.69
C ASP A 193 8.74 5.66 -27.87
N PRO A 194 8.99 6.08 -29.11
CA PRO A 194 9.95 7.16 -29.33
C PRO A 194 9.51 8.43 -28.61
N THR A 195 10.49 9.13 -28.06
CA THR A 195 10.28 10.41 -27.42
C THR A 195 10.69 11.54 -28.34
N GLY A 196 10.44 12.77 -27.90
CA GLY A 196 10.81 13.92 -28.69
C GLY A 196 10.09 13.96 -30.01
N PRO A 197 10.73 14.52 -31.04
CA PRO A 197 12.09 15.06 -31.07
C PRO A 197 12.22 16.27 -30.15
N ALA A 198 13.44 16.63 -29.74
CA ALA A 198 13.61 17.76 -28.83
C ALA A 198 12.96 19.03 -29.39
N GLU A 199 13.09 19.26 -30.70
CA GLU A 199 12.60 20.50 -31.28
C GLU A 199 11.09 20.61 -31.17
N SER A 200 10.38 19.48 -30.99
CA SER A 200 8.93 19.52 -30.85
C SER A 200 8.49 19.76 -29.40
N LEU A 201 9.38 19.76 -28.46
CA LEU A 201 9.04 19.96 -27.06
C LEU A 201 9.03 21.44 -26.75
N PRO A 202 8.06 21.91 -25.96
CA PRO A 202 7.78 23.35 -25.92
C PRO A 202 8.69 24.13 -24.98
N SER A 203 9.52 23.50 -24.17
CA SER A 203 10.36 24.25 -23.23
C SER A 203 11.78 23.73 -23.20
N GLY A 204 12.70 24.64 -22.87
CA GLY A 204 14.07 24.24 -22.68
C GLY A 204 14.16 23.19 -21.60
N TYR A 205 13.28 23.27 -20.60
CA TYR A 205 13.33 22.29 -19.52
C TYR A 205 13.03 20.89 -20.04
N LEU A 206 11.92 20.75 -20.76
CA LEU A 206 11.61 19.41 -21.28
C LEU A 206 12.68 18.94 -22.26
N ARG A 207 13.24 19.83 -23.05
CA ARG A 207 14.33 19.46 -23.94
C ARG A 207 15.56 18.95 -23.17
N SER A 208 15.86 19.56 -22.04
CA SER A 208 16.99 19.08 -21.26
C SER A 208 16.72 17.68 -20.71
N LYS A 209 15.48 17.42 -20.27
CA LYS A 209 15.17 16.07 -19.78
C LYS A 209 15.21 15.05 -20.90
N TRP A 210 14.80 15.45 -22.09
CA TRP A 210 14.85 14.57 -23.23
C TRP A 210 16.28 14.22 -23.53
N VAL A 211 17.17 15.22 -23.53
CA VAL A 211 18.58 14.95 -23.78
C VAL A 211 19.14 14.02 -22.70
N ALA A 212 18.85 14.32 -21.43
CA ALA A 212 19.32 13.45 -20.36
C ALA A 212 18.91 12.01 -20.63
N GLU A 213 17.65 11.79 -20.97
CA GLU A 213 17.19 10.43 -21.25
C GLU A 213 18.00 9.77 -22.36
N GLN A 214 18.27 10.53 -23.41
CA GLN A 214 19.04 10.04 -24.55
C GLN A 214 20.48 9.74 -24.14
N VAL A 215 21.04 10.57 -23.28
CA VAL A 215 22.36 10.30 -22.75
C VAL A 215 22.31 9.01 -21.97
N ILE A 216 21.23 8.82 -21.21
CA ILE A 216 21.09 7.60 -20.43
C ILE A 216 20.95 6.37 -21.34
N GLU A 217 20.27 6.51 -22.47
CA GLU A 217 20.19 5.38 -23.37
C GLU A 217 21.58 4.96 -23.82
N VAL A 218 22.49 5.90 -24.04
CA VAL A 218 23.85 5.51 -24.40
C VAL A 218 24.50 4.75 -23.25
N ALA A 219 24.33 5.25 -22.02
CA ALA A 219 24.87 4.56 -20.87
C ALA A 219 24.34 3.14 -20.81
N ARG A 220 23.05 2.98 -21.04
CA ARG A 220 22.46 1.66 -21.02
C ARG A 220 23.07 0.80 -22.09
N ASP A 221 23.31 1.37 -23.28
CA ASP A 221 23.87 0.57 -24.36
C ASP A 221 25.26 0.08 -24.01
N ARG A 222 25.96 0.81 -23.13
CA ARG A 222 27.29 0.43 -22.71
C ARG A 222 27.29 -0.55 -21.56
N GLY A 223 26.13 -0.97 -21.07
CA GLY A 223 26.10 -1.95 -20.01
C GLY A 223 25.87 -1.35 -18.64
N LEU A 224 25.55 -0.03 -18.58
CA LEU A 224 25.40 0.62 -17.27
C LEU A 224 23.97 0.48 -16.79
N PRO A 225 23.77 0.10 -15.52
CA PRO A 225 22.40 -0.09 -15.03
C PRO A 225 21.76 1.24 -14.65
N VAL A 226 20.74 1.65 -15.41
CA VAL A 226 20.05 2.92 -15.23
C VAL A 226 18.55 2.68 -15.47
N SER A 227 17.74 2.91 -14.44
CA SER A 227 16.29 2.91 -14.56
C SER A 227 15.82 4.35 -14.67
N VAL A 228 14.68 4.54 -15.34
CA VAL A 228 14.11 5.86 -15.61
C VAL A 228 12.65 5.82 -15.21
N TYR A 229 12.21 6.80 -14.45
CA TYR A 229 10.84 6.97 -14.02
C TYR A 229 10.30 8.32 -14.54
N ARG A 230 9.49 8.23 -15.58
CA ARG A 230 8.88 9.43 -16.14
C ARG A 230 7.66 9.76 -15.32
N VAL A 231 7.66 10.93 -14.69
CA VAL A 231 6.61 11.33 -13.77
C VAL A 231 5.74 12.40 -14.41
N ASP A 232 4.45 12.36 -14.10
CA ASP A 232 3.53 13.41 -14.54
C ASP A 232 3.49 14.52 -13.48
N VAL A 233 2.42 15.30 -13.42
CA VAL A 233 2.33 16.40 -12.46
C VAL A 233 2.15 15.85 -11.05
N ILE A 234 2.96 16.37 -10.11
CA ILE A 234 2.98 15.88 -8.75
C ILE A 234 2.16 16.81 -7.88
N SER A 235 1.25 16.30 -7.12
CA SER A 235 0.46 17.09 -6.20
C SER A 235 0.89 16.72 -4.77
N GLY A 236 0.17 17.22 -3.81
CA GLY A 236 0.61 17.10 -2.44
C GLY A 236 0.48 15.71 -1.87
N ASP A 237 1.17 15.49 -0.75
CA ASP A 237 1.08 14.21 -0.06
C ASP A 237 -0.29 14.03 0.58
N ARG A 238 -0.69 12.78 0.72
CA ARG A 238 -2.04 12.43 1.10
C ARG A 238 -2.27 12.63 2.58
N VAL A 239 -1.22 12.83 3.37
CA VAL A 239 -1.33 12.92 4.83
C VAL A 239 -1.54 14.38 5.21
N ASN A 240 -0.58 15.23 4.80
CA ASN A 240 -0.64 16.64 5.14
C ASN A 240 -1.01 17.57 3.99
N GLY A 241 -1.05 17.05 2.77
CA GLY A 241 -1.38 17.88 1.64
C GLY A 241 -0.24 18.75 1.17
N ALA A 242 0.98 18.46 1.61
CA ALA A 242 2.10 19.36 1.35
C ALA A 242 2.51 19.30 -0.10
N CYS A 243 2.68 20.45 -0.76
CA CYS A 243 2.92 20.49 -2.21
C CYS A 243 3.68 21.75 -2.57
N GLN A 244 4.45 21.69 -3.64
CA GLN A 244 5.12 22.86 -4.14
C GLN A 244 4.07 23.85 -4.64
N THR A 245 4.46 25.08 -4.76
CA THR A 245 3.51 26.15 -5.04
C THR A 245 3.41 26.48 -6.51
N ARG A 246 4.43 26.21 -7.31
CA ARG A 246 4.57 26.85 -8.61
C ARG A 246 4.27 25.93 -9.80
N ASP A 247 3.19 25.15 -9.74
CA ASP A 247 2.87 24.29 -10.86
C ASP A 247 1.56 24.73 -11.49
N PHE A 248 1.36 24.28 -12.72
CA PHE A 248 0.25 24.75 -13.55
C PHE A 248 -1.10 24.53 -12.85
N VAL A 249 -1.26 23.38 -12.18
CA VAL A 249 -2.55 23.07 -11.62
C VAL A 249 -2.94 24.12 -10.58
N TRP A 250 -2.09 24.28 -9.57
CA TRP A 250 -2.46 25.12 -8.42
C TRP A 250 -2.36 26.59 -8.71
N LEU A 251 -1.47 27.01 -9.62
CA LEU A 251 -1.53 28.38 -10.09
C LEU A 251 -2.81 28.63 -10.93
N THR A 252 -3.27 27.66 -11.71
CA THR A 252 -4.54 27.85 -12.40
C THR A 252 -5.64 28.09 -11.38
N LEU A 253 -5.77 27.20 -10.39
CA LEU A 253 -6.82 27.36 -9.40
C LEU A 253 -6.60 28.64 -8.60
N LYS A 254 -5.35 28.97 -8.30
CA LYS A 254 -5.09 30.23 -7.58
C LYS A 254 -5.55 31.44 -8.40
N GLY A 255 -5.22 31.45 -9.69
CA GLY A 255 -5.70 32.52 -10.55
C GLY A 255 -7.21 32.68 -10.55
N LEU A 256 -7.94 31.56 -10.68
CA LEU A 256 -9.40 31.61 -10.63
C LEU A 256 -9.85 32.22 -9.32
N ILE A 257 -9.28 31.77 -8.20
CA ILE A 257 -9.62 32.36 -6.90
C ILE A 257 -9.39 33.87 -6.90
N GLN A 258 -8.22 34.29 -7.39
CA GLN A 258 -7.91 35.72 -7.44
C GLN A 258 -8.88 36.46 -8.33
N ALA A 259 -9.15 35.91 -9.53
CA ALA A 259 -10.07 36.58 -10.43
C ALA A 259 -11.49 36.55 -9.91
N ARG A 260 -11.75 35.72 -8.89
CA ARG A 260 -13.07 35.57 -8.29
C ARG A 260 -14.11 35.18 -9.34
N SER A 261 -13.67 34.54 -10.42
CA SER A 261 -14.55 34.17 -11.51
C SER A 261 -13.89 33.12 -12.38
N VAL A 262 -14.72 32.47 -13.19
CA VAL A 262 -14.26 31.47 -14.15
C VAL A 262 -14.98 31.62 -15.45
N PRO A 263 -14.30 31.35 -16.56
CA PRO A 263 -14.93 31.55 -17.87
C PRO A 263 -16.02 30.51 -18.10
N LYS A 264 -17.17 30.98 -18.56
CA LYS A 264 -18.31 30.11 -18.86
C LYS A 264 -17.96 29.08 -19.91
N GLY A 265 -18.62 27.95 -19.84
CA GLY A 265 -18.44 26.89 -20.81
C GLY A 265 -17.00 26.54 -21.10
N THR A 266 -16.19 26.39 -20.06
CA THR A 266 -14.79 26.04 -20.19
C THR A 266 -14.53 24.86 -19.26
N GLU A 267 -14.09 23.75 -19.82
CA GLU A 267 -13.86 22.50 -19.07
C GLU A 267 -12.47 21.97 -19.36
N GLY A 268 -11.89 21.27 -18.41
CA GLY A 268 -10.63 20.60 -18.56
C GLY A 268 -10.48 19.64 -17.40
N ARG A 269 -9.24 19.16 -17.22
CA ARG A 269 -8.99 18.24 -16.10
C ARG A 269 -7.54 18.36 -15.65
N PHE A 270 -7.26 17.73 -14.50
CA PHE A 270 -5.91 17.66 -13.95
C PHE A 270 -5.70 16.25 -13.43
N HIS A 271 -4.62 15.61 -13.91
CA HIS A 271 -4.29 14.27 -13.46
C HIS A 271 -3.35 14.33 -12.26
N LEU A 272 -3.88 14.41 -11.04
CA LEU A 272 -3.02 14.67 -9.87
C LEU A 272 -2.34 13.39 -9.40
N LEU A 273 -1.06 13.49 -9.11
CA LEU A 273 -0.26 12.35 -8.67
C LEU A 273 0.36 12.73 -7.33
N PRO A 274 -0.16 12.25 -6.23
CA PRO A 274 0.41 12.64 -4.93
C PRO A 274 1.89 12.30 -4.78
N VAL A 275 2.63 13.24 -4.18
CA VAL A 275 4.09 13.14 -4.15
C VAL A 275 4.51 11.90 -3.38
N ASP A 276 3.77 11.51 -2.33
CA ASP A 276 4.15 10.35 -1.55
C ASP A 276 3.84 9.05 -2.27
N TYR A 277 2.98 9.10 -3.27
CA TYR A 277 2.88 7.95 -4.16
C TYR A 277 4.11 7.88 -5.04
N VAL A 278 4.52 9.01 -5.58
CA VAL A 278 5.66 9.00 -6.51
C VAL A 278 6.91 8.51 -5.80
N SER A 279 7.16 9.02 -4.56
CA SER A 279 8.38 8.61 -3.87
C SER A 279 8.35 7.13 -3.55
N ALA A 280 7.20 6.64 -3.06
CA ALA A 280 7.08 5.24 -2.72
C ALA A 280 7.19 4.36 -3.95
N ALA A 281 6.65 4.81 -5.07
CA ALA A 281 6.69 4.02 -6.29
C ALA A 281 8.11 3.92 -6.79
N ILE A 282 8.81 5.04 -6.88
CA ILE A 282 10.16 5.01 -7.41
C ILE A 282 11.03 4.16 -6.54
N THR A 283 10.98 4.36 -5.21
CA THR A 283 11.85 3.57 -4.37
C THR A 283 11.43 2.11 -4.37
N GLY A 284 10.11 1.85 -4.37
CA GLY A 284 9.63 0.49 -4.37
C GLY A 284 10.01 -0.23 -5.64
N ILE A 285 9.75 0.38 -6.79
CA ILE A 285 10.12 -0.31 -8.04
C ILE A 285 11.63 -0.60 -8.05
N SER A 286 12.44 0.34 -7.52
CA SER A 286 13.89 0.22 -7.57
C SER A 286 14.40 -1.01 -6.85
N ARG A 287 13.59 -1.60 -5.95
CA ARG A 287 13.97 -2.84 -5.29
C ARG A 287 13.25 -4.08 -5.85
N GLN A 288 12.18 -3.92 -6.60
CA GLN A 288 11.46 -5.06 -7.14
C GLN A 288 12.40 -5.78 -8.12
N PRO A 289 12.22 -7.09 -8.29
CA PRO A 289 13.15 -7.84 -9.15
C PRO A 289 12.84 -7.59 -10.61
N GLY A 290 13.91 -7.57 -11.41
CA GLY A 290 13.75 -7.45 -12.85
C GLY A 290 13.30 -6.08 -13.33
N THR A 291 13.54 -5.04 -12.53
CA THR A 291 13.20 -3.68 -12.95
C THR A 291 14.42 -2.85 -13.35
N VAL A 292 15.62 -3.24 -12.93
CA VAL A 292 16.78 -2.42 -13.22
C VAL A 292 16.94 -2.32 -14.73
N GLY A 293 17.26 -1.13 -15.20
CA GLY A 293 17.55 -0.90 -16.59
C GLY A 293 16.34 -0.56 -17.40
N ARG A 294 15.16 -0.52 -16.78
CA ARG A 294 13.89 -0.33 -17.47
C ARG A 294 13.39 1.08 -17.21
N THR A 295 12.39 1.46 -17.99
CA THR A 295 11.76 2.77 -17.88
C THR A 295 10.33 2.56 -17.46
N PHE A 296 9.81 3.41 -16.59
CA PHE A 296 8.48 3.30 -16.01
C PHE A 296 7.74 4.63 -16.12
N HIS A 297 6.43 4.58 -16.31
CA HIS A 297 5.57 5.76 -16.33
C HIS A 297 4.78 5.83 -15.02
N LEU A 298 4.84 6.98 -14.38
CA LEU A 298 4.09 7.28 -13.16
C LEU A 298 3.08 8.33 -13.59
N PHE A 299 1.81 7.93 -13.63
CA PHE A 299 0.77 8.78 -14.20
C PHE A 299 -0.55 8.31 -13.67
N ASN A 300 -1.40 9.23 -13.26
CA ASN A 300 -2.72 8.91 -12.71
C ASN A 300 -3.72 8.91 -13.85
N GLN A 301 -4.27 7.74 -14.15
CA GLN A 301 -5.34 7.66 -15.14
C GLN A 301 -6.55 8.47 -14.72
N SER A 302 -6.77 8.63 -13.41
CA SER A 302 -7.91 9.35 -12.92
C SER A 302 -7.58 10.83 -12.86
N SER A 303 -8.62 11.65 -12.92
CA SER A 303 -8.41 13.08 -12.97
C SER A 303 -9.53 13.78 -12.23
N LEU A 304 -9.27 15.05 -11.85
CA LEU A 304 -10.29 15.95 -11.33
C LEU A 304 -10.60 16.95 -12.43
N ALA A 305 -11.86 17.01 -12.87
CA ALA A 305 -12.26 17.97 -13.90
C ALA A 305 -12.16 19.39 -13.37
N LEU A 306 -11.94 20.34 -14.28
CA LEU A 306 -11.85 21.73 -13.86
C LEU A 306 -13.13 22.15 -13.14
N SER A 307 -14.27 21.73 -13.69
CA SER A 307 -15.55 22.05 -13.06
C SER A 307 -15.66 21.44 -11.67
N GLN A 308 -15.05 20.26 -11.45
CA GLN A 308 -15.09 19.66 -10.12
C GLN A 308 -14.28 20.50 -9.13
N CYS A 309 -13.08 20.91 -9.53
CA CYS A 309 -12.27 21.78 -8.69
C CYS A 309 -13.01 23.06 -8.34
N VAL A 310 -13.60 23.71 -9.34
CA VAL A 310 -14.35 24.94 -9.08
C VAL A 310 -15.51 24.68 -8.13
N GLU A 311 -16.23 23.58 -8.31
CA GLU A 311 -17.33 23.31 -7.39
C GLU A 311 -16.79 23.11 -6.00
N LEU A 312 -15.72 22.34 -5.85
CA LEU A 312 -15.09 22.13 -4.56
C LEU A 312 -14.66 23.46 -3.92
N LEU A 313 -14.01 24.32 -4.69
CA LEU A 313 -13.63 25.62 -4.15
C LEU A 313 -14.86 26.43 -3.73
N ARG A 314 -15.91 26.41 -4.54
CA ARG A 314 -17.12 27.13 -4.17
C ARG A 314 -17.66 26.62 -2.83
N SER A 315 -17.62 25.31 -2.64
CA SER A 315 -18.11 24.72 -1.39
C SER A 315 -17.24 25.12 -0.20
N LEU A 316 -15.97 25.45 -0.44
CA LEU A 316 -15.10 25.94 0.63
C LEU A 316 -15.33 27.42 0.91
N GLY A 317 -16.17 28.08 0.13
CA GLY A 317 -16.48 29.47 0.37
C GLY A 317 -15.89 30.46 -0.61
N TYR A 318 -15.22 30.01 -1.66
CA TYR A 318 -14.61 30.93 -2.61
C TYR A 318 -15.63 31.41 -3.62
N GLU A 319 -15.58 32.68 -3.95
CA GLU A 319 -16.44 33.27 -4.96
C GLU A 319 -15.81 33.00 -6.32
N LEU A 320 -16.49 32.20 -7.14
CA LEU A 320 -16.08 31.94 -8.50
C LEU A 320 -17.29 32.07 -9.43
N ASP A 321 -17.61 33.32 -9.81
CA ASP A 321 -18.73 33.55 -10.69
C ASP A 321 -18.37 33.16 -12.12
N GLU A 322 -19.35 32.64 -12.84
CA GLU A 322 -19.18 32.27 -14.24
C GLU A 322 -19.38 33.53 -15.09
N VAL A 323 -18.39 33.85 -15.91
CA VAL A 323 -18.46 35.04 -16.76
C VAL A 323 -17.96 34.68 -18.15
N ASP A 324 -18.19 35.59 -19.09
CA ASP A 324 -17.74 35.35 -20.46
C ASP A 324 -16.21 35.34 -20.52
N TRP A 325 -15.70 34.70 -21.59
CA TRP A 325 -14.25 34.53 -21.69
C TRP A 325 -13.52 35.88 -21.70
N ASP A 326 -14.05 36.86 -22.46
CA ASP A 326 -13.37 38.15 -22.59
C ASP A 326 -13.35 38.88 -21.26
N THR A 327 -14.48 38.96 -20.59
CA THR A 327 -14.50 39.58 -19.26
C THR A 327 -13.48 38.91 -18.35
N TRP A 328 -13.39 37.58 -18.42
CA TRP A 328 -12.50 36.85 -17.52
C TRP A 328 -11.05 37.14 -17.84
N THR A 329 -10.69 37.10 -19.13
CA THR A 329 -9.29 37.30 -19.48
C THR A 329 -8.86 38.74 -19.22
N GLN A 330 -9.77 39.69 -19.34
CA GLN A 330 -9.44 41.06 -18.96
C GLN A 330 -9.18 41.18 -17.46
N VAL A 331 -9.91 40.41 -16.64
CA VAL A 331 -9.61 40.39 -15.21
C VAL A 331 -8.23 39.80 -14.97
N VAL A 332 -7.91 38.68 -15.63
CA VAL A 332 -6.63 38.02 -15.39
C VAL A 332 -5.47 38.89 -15.85
N THR A 333 -5.60 39.56 -17.01
CA THR A 333 -4.52 40.37 -17.54
C THR A 333 -4.47 41.77 -16.93
N SER A 334 -5.37 42.07 -16.00
CA SER A 334 -5.35 43.42 -15.43
C SER A 334 -4.26 43.57 -14.37
N GLY A 335 -3.66 42.46 -13.92
CA GLY A 335 -2.55 42.48 -12.97
C GLY A 335 -2.74 41.55 -11.78
N ASP A 336 -1.62 41.16 -11.18
CA ASP A 336 -1.62 40.43 -9.91
C ASP A 336 -2.48 39.18 -9.97
N ASN A 337 -2.28 38.39 -11.02
CA ASN A 337 -3.03 37.15 -11.16
C ASN A 337 -2.07 36.05 -11.58
N ALA A 338 -2.06 34.94 -10.82
CA ALA A 338 -1.13 33.85 -11.08
C ALA A 338 -1.33 33.22 -12.44
N LEU A 339 -2.49 33.38 -13.07
CA LEU A 339 -2.73 32.76 -14.37
C LEU A 339 -2.18 33.57 -15.54
N LEU A 340 -1.87 34.85 -15.34
CA LEU A 340 -1.52 35.73 -16.46
C LEU A 340 -0.46 35.11 -17.35
N PRO A 341 0.69 34.64 -16.83
CA PRO A 341 1.69 34.01 -17.71
C PRO A 341 1.27 32.65 -18.24
N LEU A 342 0.18 32.08 -17.73
CA LEU A 342 -0.27 30.76 -18.14
C LEU A 342 -1.55 30.77 -18.96
N LEU A 343 -2.01 31.95 -19.36
CA LEU A 343 -3.27 32.05 -20.09
C LEU A 343 -3.24 31.20 -21.35
N ASP A 344 -2.14 31.26 -22.10
CA ASP A 344 -2.06 30.45 -23.32
C ASP A 344 -2.18 28.97 -22.99
N ALA A 345 -1.45 28.52 -21.97
CA ALA A 345 -1.52 27.12 -21.58
C ALA A 345 -2.90 26.75 -21.06
N PHE A 346 -3.53 27.64 -20.31
CA PHE A 346 -4.87 27.35 -19.82
C PHE A 346 -5.86 27.23 -20.98
N GLU A 347 -5.65 28.04 -22.02
CA GLU A 347 -6.59 28.01 -23.14
C GLU A 347 -6.39 26.73 -23.96
N MET A 348 -5.12 26.37 -24.17
CA MET A 348 -4.83 25.14 -24.89
C MET A 348 -5.38 23.94 -24.13
N MET A 349 -5.17 23.90 -22.81
CA MET A 349 -5.62 22.75 -22.03
C MET A 349 -7.13 22.62 -22.06
N THR A 350 -7.85 23.75 -22.03
CA THR A 350 -9.31 23.63 -21.99
C THR A 350 -9.91 23.45 -23.36
N SER A 351 -9.29 24.00 -24.39
CA SER A 351 -9.88 23.91 -25.72
C SER A 351 -9.57 22.58 -26.39
N ASP A 352 -8.51 21.87 -25.98
CA ASP A 352 -8.20 20.54 -26.50
C ASP A 352 -7.57 19.73 -25.37
N THR A 353 -8.41 19.29 -24.44
CA THR A 353 -7.88 18.66 -23.23
C THR A 353 -7.27 17.31 -23.54
N ASP A 354 -7.92 16.52 -24.40
CA ASP A 354 -7.37 15.23 -24.75
C ASP A 354 -6.02 15.39 -25.44
N GLY A 355 -5.89 16.43 -26.26
CA GLY A 355 -4.61 16.72 -26.90
C GLY A 355 -3.59 17.23 -25.91
N PHE A 356 -4.04 17.97 -24.90
CA PHE A 356 -3.12 18.56 -23.93
C PHE A 356 -2.54 17.49 -23.01
N TYR A 357 -3.38 16.50 -22.62
CA TYR A 357 -2.95 15.39 -21.77
C TYR A 357 -2.99 14.05 -22.49
N PRO A 358 -1.96 13.73 -23.26
CA PRO A 358 -1.99 12.46 -23.99
C PRO A 358 -2.13 11.30 -23.04
N PRO A 359 -2.81 10.23 -23.44
CA PRO A 359 -2.91 9.06 -22.56
C PRO A 359 -1.55 8.41 -22.41
N ILE A 360 -1.26 7.91 -21.21
CA ILE A 360 0.03 7.36 -20.82
C ILE A 360 -0.17 5.95 -20.30
N ASP A 361 0.55 5.00 -20.87
CA ASP A 361 0.49 3.62 -20.40
C ASP A 361 1.26 3.44 -19.11
N THR A 362 0.62 2.86 -18.09
CA THR A 362 1.27 2.62 -16.80
C THR A 362 1.25 1.15 -16.42
N ALA A 363 1.02 0.26 -17.38
CA ALA A 363 0.83 -1.14 -17.04
C ALA A 363 2.09 -1.74 -16.39
N GLU A 364 3.26 -1.44 -16.95
CA GLU A 364 4.49 -1.94 -16.34
C GLU A 364 4.62 -1.45 -14.90
N THR A 365 4.08 -0.27 -14.60
CA THR A 365 4.19 0.32 -13.27
C THR A 365 3.26 -0.39 -12.29
N VAL A 366 1.99 -0.56 -12.67
CA VAL A 366 1.07 -1.31 -11.81
C VAL A 366 1.58 -2.73 -11.58
N ALA A 367 2.13 -3.35 -12.63
CA ALA A 367 2.61 -4.73 -12.50
C ALA A 367 3.80 -4.79 -11.56
N ALA A 368 4.72 -3.83 -11.67
CA ALA A 368 5.90 -3.89 -10.81
C ALA A 368 5.53 -3.63 -9.35
N LEU A 369 4.45 -2.88 -9.12
CA LEU A 369 4.03 -2.54 -7.78
C LEU A 369 3.01 -3.54 -7.22
N GLU A 370 2.66 -4.58 -7.99
CA GLU A 370 1.75 -5.60 -7.49
C GLU A 370 2.22 -6.10 -6.12
N GLY A 371 1.33 -6.01 -5.13
CA GLY A 371 1.61 -6.60 -3.83
C GLY A 371 2.47 -5.76 -2.90
N THR A 372 2.90 -4.57 -3.34
CA THR A 372 3.75 -3.72 -2.52
C THR A 372 2.97 -2.87 -1.54
N GLY A 373 1.64 -2.93 -1.57
CA GLY A 373 0.84 -2.00 -0.82
C GLY A 373 0.83 -0.57 -1.36
N ILE A 374 1.46 -0.33 -2.50
CA ILE A 374 1.65 1.04 -3.02
C ILE A 374 0.61 1.31 -4.08
N GLY A 375 -0.12 2.42 -3.92
CA GLY A 375 -1.18 2.77 -4.85
C GLY A 375 -1.48 4.25 -4.86
N ILE A 376 -2.06 4.70 -5.96
CA ILE A 376 -2.41 6.12 -6.06
C ILE A 376 -3.65 6.37 -5.23
N PRO A 377 -3.67 7.35 -4.35
CA PRO A 377 -4.90 7.62 -3.61
C PRO A 377 -5.98 8.11 -4.52
N VAL A 378 -7.22 7.85 -4.11
CA VAL A 378 -8.37 8.42 -4.82
C VAL A 378 -8.34 9.93 -4.65
N LEU A 379 -8.72 10.65 -5.71
CA LEU A 379 -8.81 12.11 -5.64
C LEU A 379 -10.17 12.50 -5.06
N THR A 380 -10.22 12.48 -3.74
CA THR A 380 -11.45 12.74 -3.03
C THR A 380 -11.60 14.22 -2.70
N ARG A 381 -12.82 14.57 -2.30
CA ARG A 381 -13.07 15.90 -1.74
C ARG A 381 -12.14 16.15 -0.55
N GLU A 382 -11.97 15.16 0.31
CA GLU A 382 -11.12 15.33 1.48
C GLU A 382 -9.67 15.61 1.07
N LEU A 383 -9.18 14.89 0.08
CA LEU A 383 -7.82 15.10 -0.39
C LEU A 383 -7.68 16.50 -0.92
N PHE A 384 -8.63 16.92 -1.75
CA PHE A 384 -8.58 18.25 -2.32
C PHE A 384 -8.62 19.33 -1.24
N GLU A 385 -9.41 19.10 -0.22
CA GLU A 385 -9.53 20.07 0.84
C GLU A 385 -8.24 20.15 1.63
N LYS A 386 -7.57 19.02 1.82
CA LYS A 386 -6.26 19.02 2.45
C LYS A 386 -5.27 19.87 1.65
N TYR A 387 -5.32 19.72 0.33
CA TYR A 387 -4.43 20.47 -0.55
C TYR A 387 -4.63 21.99 -0.37
N VAL A 388 -5.88 22.41 -0.46
CA VAL A 388 -6.19 23.81 -0.29
C VAL A 388 -5.82 24.24 1.11
N ALA A 389 -6.12 23.42 2.12
CA ALA A 389 -5.81 23.83 3.48
C ALA A 389 -4.31 24.04 3.66
N PHE A 390 -3.50 23.22 3.01
CA PHE A 390 -2.06 23.39 3.13
C PHE A 390 -1.63 24.73 2.54
N PHE A 391 -2.10 25.05 1.34
CA PHE A 391 -1.71 26.29 0.71
C PHE A 391 -2.23 27.50 1.51
N VAL A 392 -3.43 27.41 2.07
CA VAL A 392 -3.95 28.52 2.86
C VAL A 392 -3.12 28.71 4.13
N GLU A 393 -2.78 27.63 4.83
CA GLU A 393 -1.97 27.79 6.03
C GLU A 393 -0.59 28.34 5.69
N GLU A 394 -0.02 27.93 4.57
CA GLU A 394 1.32 28.36 4.19
C GLU A 394 1.31 29.67 3.42
N GLY A 395 0.16 30.33 3.29
CA GLY A 395 0.10 31.64 2.70
C GLY A 395 0.09 31.69 1.18
N HIS A 396 0.03 30.54 0.53
CA HIS A 396 0.06 30.51 -0.92
C HIS A 396 -1.32 30.73 -1.55
N PHE A 397 -2.39 30.20 -0.92
CA PHE A 397 -3.75 30.49 -1.33
C PHE A 397 -4.40 31.48 -0.37
N PRO A 398 -5.14 32.47 -0.86
CA PRO A 398 -5.90 33.31 0.06
C PRO A 398 -7.01 32.50 0.72
N ALA A 399 -7.37 32.91 1.94
CA ALA A 399 -8.51 32.31 2.60
C ALA A 399 -9.80 32.61 1.83
N ALA A 400 -10.84 31.82 2.09
CA ALA A 400 -12.12 32.03 1.41
C ALA A 400 -12.77 33.31 1.90
N PRO B 13 -15.83 -20.68 38.13
CA PRO B 13 -15.18 -19.52 38.78
C PRO B 13 -14.78 -18.46 37.75
N GLY B 14 -15.37 -17.26 37.85
CA GLY B 14 -15.15 -16.21 36.89
C GLY B 14 -13.69 -15.80 36.80
N VAL B 15 -13.18 -15.70 35.59
CA VAL B 15 -11.78 -15.30 35.37
C VAL B 15 -11.62 -13.80 35.52
N ASP B 16 -10.53 -13.39 36.19
CA ASP B 16 -10.14 -11.98 36.27
C ASP B 16 -9.37 -11.59 35.00
N PHE B 17 -10.11 -11.16 33.99
CA PHE B 17 -9.48 -10.94 32.69
C PHE B 17 -8.54 -9.74 32.70
N ALA B 18 -8.82 -8.75 33.54
CA ALA B 18 -7.87 -7.67 33.73
C ALA B 18 -6.49 -8.21 34.06
N ALA B 19 -6.43 -9.18 34.98
CA ALA B 19 -5.13 -9.72 35.37
C ALA B 19 -4.49 -10.56 34.28
N GLU B 20 -5.27 -11.04 33.31
CA GLU B 20 -4.70 -11.84 32.24
C GLU B 20 -3.90 -11.02 31.26
N VAL B 21 -4.03 -9.69 31.31
CA VAL B 21 -3.30 -8.82 30.41
C VAL B 21 -1.93 -8.55 31.02
N ARG B 22 -0.95 -9.32 30.59
CA ARG B 22 0.42 -9.14 31.06
C ARG B 22 1.36 -9.59 29.96
N LEU B 23 2.50 -8.94 29.88
CA LEU B 23 3.53 -9.28 28.91
C LEU B 23 4.83 -9.43 29.67
N ALA B 24 5.54 -10.53 29.42
CA ALA B 24 6.82 -10.76 30.09
C ALA B 24 7.74 -9.55 29.94
N ASP B 25 8.40 -9.21 31.03
CA ASP B 25 9.15 -7.96 31.09
C ASP B 25 10.32 -7.96 30.14
N ASP B 26 10.71 -9.15 29.62
CA ASP B 26 11.82 -9.22 28.69
C ASP B 26 11.41 -8.87 27.27
N VAL B 27 10.11 -8.82 26.99
CA VAL B 27 9.65 -8.55 25.64
C VAL B 27 9.69 -7.03 25.44
N ARG B 28 10.80 -6.56 24.86
CA ARG B 28 11.14 -5.15 24.76
C ARG B 28 11.91 -4.97 23.46
N PRO B 29 11.88 -3.78 22.88
CA PRO B 29 12.58 -3.61 21.61
C PRO B 29 14.07 -3.80 21.79
N ALA B 30 14.68 -4.44 20.81
CA ALA B 30 16.12 -4.63 20.81
C ALA B 30 16.83 -3.32 20.47
N ASP B 31 18.16 -3.38 20.41
CA ASP B 31 18.94 -2.22 20.04
C ASP B 31 18.62 -1.81 18.60
N GLU B 32 18.45 -2.79 17.72
CA GLU B 32 18.09 -2.57 16.33
C GLU B 32 16.61 -2.83 16.18
N VAL B 33 15.88 -1.85 15.65
CA VAL B 33 14.44 -1.92 15.50
C VAL B 33 14.14 -1.60 14.06
N ILE B 34 13.45 -2.52 13.39
CA ILE B 34 12.96 -2.36 12.04
C ILE B 34 11.44 -2.23 12.12
N THR B 35 10.91 -1.07 11.69
CA THR B 35 9.48 -0.81 11.88
C THR B 35 8.62 -1.17 10.67
N THR B 36 9.23 -1.47 9.55
CA THR B 36 8.55 -1.76 8.31
C THR B 36 9.11 -3.06 7.75
N ALA B 37 8.42 -3.57 6.74
CA ALA B 37 8.79 -4.80 6.09
C ALA B 37 8.49 -4.65 4.60
N ALA B 38 9.11 -3.64 4.00
CA ALA B 38 8.78 -3.31 2.63
C ALA B 38 9.36 -4.30 1.63
N ASP B 39 10.47 -4.96 1.99
CA ASP B 39 11.15 -5.92 1.12
C ASP B 39 11.68 -7.08 1.95
N PRO B 40 10.78 -7.95 2.41
CA PRO B 40 11.20 -9.06 3.27
C PRO B 40 11.82 -10.20 2.48
N LYS B 41 12.77 -10.85 3.12
CA LYS B 41 13.44 -12.03 2.58
C LYS B 41 13.29 -13.24 3.46
N GLU B 42 13.02 -13.08 4.75
CA GLU B 42 12.79 -14.17 5.68
C GLU B 42 11.53 -13.84 6.47
N ILE B 43 10.50 -14.66 6.34
CA ILE B 43 9.21 -14.40 6.96
C ILE B 43 8.84 -15.56 7.88
N LEU B 44 8.29 -15.23 9.05
CA LEU B 44 7.65 -16.21 9.89
C LEU B 44 6.14 -16.10 9.76
N LEU B 45 5.49 -17.24 9.48
CA LEU B 45 4.04 -17.31 9.39
C LEU B 45 3.58 -18.42 10.30
N THR B 46 2.69 -18.08 11.22
CA THR B 46 1.99 -19.06 12.02
C THR B 46 0.63 -19.31 11.40
N GLY B 47 0.11 -20.52 11.59
CA GLY B 47 -1.19 -20.87 11.07
C GLY B 47 -1.24 -21.22 9.61
N ALA B 48 -0.10 -21.54 9.01
CA ALA B 48 -0.04 -21.80 7.58
C ALA B 48 -0.79 -23.05 7.17
N SER B 49 -1.12 -23.93 8.12
CA SER B 49 -1.88 -25.14 7.82
C SER B 49 -3.38 -24.94 7.98
N GLY B 50 -3.84 -23.70 8.13
CA GLY B 50 -5.24 -23.39 8.23
C GLY B 50 -5.77 -22.66 7.01
N PHE B 51 -6.99 -22.11 7.18
CA PHE B 51 -7.75 -21.48 6.09
C PHE B 51 -7.08 -20.17 5.64
N LEU B 52 -7.19 -19.13 6.45
CA LEU B 52 -6.52 -17.89 6.05
C LEU B 52 -5.02 -18.11 5.83
N GLY B 53 -4.41 -18.93 6.68
CA GLY B 53 -2.98 -19.16 6.60
C GLY B 53 -2.52 -19.66 5.25
N ALA B 54 -3.34 -20.50 4.63
CA ALA B 54 -3.00 -21.01 3.32
C ALA B 54 -2.94 -19.88 2.32
N PHE B 55 -3.87 -18.95 2.43
CA PHE B 55 -3.92 -17.83 1.49
C PHE B 55 -2.89 -16.74 1.81
N LEU B 56 -2.60 -16.54 3.08
CA LEU B 56 -1.46 -15.71 3.42
C LEU B 56 -0.18 -16.30 2.84
N LEU B 57 0.02 -17.62 3.01
CA LEU B 57 1.23 -18.24 2.46
C LEU B 57 1.32 -18.04 0.95
N ARG B 58 0.22 -18.29 0.24
CA ARG B 58 0.25 -18.17 -1.20
C ARG B 58 0.55 -16.76 -1.62
N ASP B 59 -0.11 -15.77 -0.98
CA ASP B 59 0.12 -14.38 -1.36
C ASP B 59 1.56 -13.99 -1.13
N LEU B 60 2.16 -14.49 -0.04
CA LEU B 60 3.56 -14.20 0.23
C LEU B 60 4.44 -14.80 -0.84
N MET B 61 4.08 -15.99 -1.31
CA MET B 61 4.83 -16.64 -2.39
C MET B 61 4.70 -15.84 -3.68
N ARG B 62 3.51 -15.31 -3.93
CA ARG B 62 3.31 -14.59 -5.18
C ARG B 62 3.99 -13.21 -5.17
N THR B 63 4.04 -12.54 -4.02
CA THR B 63 4.38 -11.12 -3.98
C THR B 63 5.76 -10.82 -3.42
N THR B 64 6.47 -11.80 -2.89
CA THR B 64 7.80 -11.60 -2.36
C THR B 64 8.71 -12.69 -2.90
N THR B 65 10.02 -12.48 -2.67
CA THR B 65 11.02 -13.50 -2.94
C THR B 65 11.48 -14.16 -1.65
N ALA B 66 10.69 -14.00 -0.58
CA ALA B 66 11.16 -14.41 0.74
C ALA B 66 10.99 -15.92 0.98
N ARG B 67 11.84 -16.44 1.85
CA ARG B 67 11.59 -17.74 2.45
C ARG B 67 10.55 -17.57 3.55
N VAL B 68 9.60 -18.47 3.58
CA VAL B 68 8.52 -18.39 4.56
C VAL B 68 8.69 -19.56 5.52
N HIS B 69 9.22 -19.26 6.70
CA HIS B 69 9.22 -20.20 7.82
C HIS B 69 7.80 -20.38 8.35
N CYS B 70 7.31 -21.62 8.38
CA CYS B 70 5.93 -21.91 8.75
C CYS B 70 5.92 -22.75 10.00
N LEU B 71 5.38 -22.19 11.08
CA LEU B 71 5.24 -22.89 12.35
C LEU B 71 4.13 -23.90 12.19
N VAL B 72 4.47 -25.18 12.31
CA VAL B 72 3.51 -26.26 12.11
C VAL B 72 3.73 -27.35 13.15
N ARG B 73 2.64 -27.85 13.70
CA ARG B 73 2.71 -28.97 14.63
C ARG B 73 2.87 -30.28 13.87
N GLY B 74 3.65 -31.20 14.44
CA GLY B 74 3.80 -32.49 13.82
C GLY B 74 4.91 -33.32 14.42
N ALA B 75 4.88 -34.62 14.16
CA ALA B 75 5.92 -35.49 14.69
C ALA B 75 7.27 -35.19 14.04
N ASP B 76 7.27 -34.77 12.78
CA ASP B 76 8.50 -34.55 12.03
C ASP B 76 8.22 -33.60 10.88
N GLU B 77 9.29 -32.99 10.36
CA GLU B 77 9.13 -32.01 9.30
C GLU B 77 8.43 -32.60 8.10
N ALA B 78 8.76 -33.86 7.76
CA ALA B 78 8.12 -34.50 6.61
C ALA B 78 6.61 -34.57 6.80
N ALA B 79 6.17 -35.08 7.94
CA ALA B 79 4.75 -35.10 8.28
C ALA B 79 4.17 -33.70 8.26
N ALA B 80 4.87 -32.74 8.85
CA ALA B 80 4.34 -31.39 8.92
C ALA B 80 4.24 -30.75 7.53
N MET B 81 5.21 -30.98 6.67
CA MET B 81 5.12 -30.44 5.31
C MET B 81 3.97 -31.08 4.56
N GLU B 82 3.75 -32.38 4.75
CA GLU B 82 2.60 -33.01 4.09
C GLU B 82 1.28 -32.38 4.56
N ARG B 83 1.16 -32.11 5.86
CA ARG B 83 -0.06 -31.49 6.38
C ARG B 83 -0.28 -30.11 5.77
N LEU B 84 0.79 -29.32 5.68
CA LEU B 84 0.71 -28.01 5.05
C LEU B 84 0.34 -28.15 3.57
N LYS B 85 0.99 -29.09 2.88
CA LYS B 85 0.66 -29.33 1.48
C LYS B 85 -0.80 -29.72 1.30
N ALA B 86 -1.24 -30.76 2.02
CA ALA B 86 -2.59 -31.25 1.85
C ALA B 86 -3.59 -30.15 2.11
N ASN B 87 -3.34 -29.33 3.13
CA ASN B 87 -4.21 -28.18 3.40
C ASN B 87 -4.23 -27.23 2.20
N ALA B 88 -3.06 -26.86 1.69
CA ALA B 88 -3.01 -25.96 0.54
C ALA B 88 -3.70 -26.57 -0.66
N GLU B 89 -3.52 -27.88 -0.85
CA GLU B 89 -4.20 -28.55 -1.96
C GLU B 89 -5.72 -28.47 -1.81
N TRP B 90 -6.20 -28.68 -0.58
CA TRP B 90 -7.63 -28.62 -0.34
C TRP B 90 -8.18 -27.22 -0.65
N TYR B 91 -7.44 -26.17 -0.27
CA TYR B 91 -7.86 -24.81 -0.61
C TYR B 91 -7.45 -24.42 -2.02
N ARG B 92 -6.85 -25.34 -2.78
CA ARG B 92 -6.57 -25.15 -4.20
C ARG B 92 -5.60 -24.01 -4.44
N VAL B 93 -4.67 -23.81 -3.51
CA VAL B 93 -3.63 -22.80 -3.67
C VAL B 93 -2.23 -23.40 -3.74
N TRP B 94 -2.10 -24.72 -3.72
CA TRP B 94 -0.78 -25.32 -3.67
C TRP B 94 0.07 -24.93 -4.90
N ASP B 95 -0.57 -24.86 -6.07
CA ASP B 95 0.20 -24.60 -7.28
C ASP B 95 0.83 -23.20 -7.25
N ASP B 96 0.31 -22.31 -6.43
CA ASP B 96 0.90 -20.99 -6.28
C ASP B 96 1.97 -20.94 -5.21
N ILE B 97 2.29 -22.07 -4.61
CA ILE B 97 3.23 -22.15 -3.51
C ILE B 97 4.48 -22.83 -4.01
N ASP B 98 5.63 -22.25 -3.72
CA ASP B 98 6.90 -22.83 -4.09
C ASP B 98 7.44 -23.64 -2.93
N PRO B 99 7.44 -24.97 -3.03
CA PRO B 99 7.95 -25.77 -1.90
C PRO B 99 9.36 -25.39 -1.50
N GLU B 100 10.22 -25.03 -2.47
CA GLU B 100 11.62 -24.71 -2.15
C GLU B 100 11.72 -23.52 -1.21
N ARG B 101 10.67 -22.71 -1.13
CA ARG B 101 10.66 -21.51 -0.30
C ARG B 101 9.92 -21.72 1.01
N VAL B 102 9.41 -22.93 1.24
CA VAL B 102 8.75 -23.26 2.51
C VAL B 102 9.75 -23.95 3.42
N SER B 103 9.91 -23.42 4.63
CA SER B 103 10.79 -23.97 5.65
C SER B 103 9.89 -24.31 6.84
N VAL B 104 9.61 -25.58 7.04
CA VAL B 104 8.79 -25.99 8.16
C VAL B 104 9.54 -25.74 9.46
N VAL B 105 8.90 -25.08 10.40
CA VAL B 105 9.40 -24.88 11.74
C VAL B 105 8.51 -25.71 12.65
N LEU B 106 9.01 -26.86 13.09
CA LEU B 106 8.27 -27.78 13.93
C LEU B 106 8.18 -27.22 15.34
N GLY B 107 6.97 -26.89 15.75
CA GLY B 107 6.78 -26.29 17.06
C GLY B 107 5.31 -26.20 17.40
N ASP B 108 5.01 -25.41 18.43
CA ASP B 108 3.67 -25.38 19.02
C ASP B 108 3.49 -24.07 19.74
N LEU B 109 2.48 -23.32 19.33
CA LEU B 109 2.14 -22.07 19.98
C LEU B 109 1.92 -22.23 21.45
N ALA B 110 1.43 -23.39 21.87
CA ALA B 110 1.05 -23.60 23.26
C ALA B 110 2.24 -23.88 24.15
N GLU B 111 3.42 -24.07 23.56
CA GLU B 111 4.56 -24.58 24.29
C GLU B 111 5.57 -23.47 24.52
N PRO B 112 6.39 -23.58 25.58
CA PRO B 112 7.41 -22.56 25.83
C PRO B 112 8.32 -22.41 24.63
N ARG B 113 8.62 -21.15 24.29
CA ARG B 113 9.49 -20.83 23.16
C ARG B 113 9.00 -21.45 21.87
N LEU B 114 7.68 -21.59 21.75
CA LEU B 114 7.03 -22.13 20.56
C LEU B 114 7.39 -23.58 20.33
N GLY B 115 7.84 -24.27 21.38
CA GLY B 115 8.27 -25.65 21.25
C GLY B 115 9.66 -25.82 20.64
N LEU B 116 10.38 -24.71 20.45
CA LEU B 116 11.69 -24.77 19.82
C LEU B 116 12.78 -24.83 20.89
N ASP B 117 13.92 -25.38 20.51
CA ASP B 117 15.09 -25.26 21.34
C ASP B 117 15.55 -23.79 21.39
N GLU B 118 16.34 -23.48 22.41
CA GLU B 118 16.80 -22.11 22.59
C GLU B 118 17.48 -21.61 21.33
N GLU B 119 18.28 -22.46 20.68
CA GLU B 119 19.09 -21.99 19.56
C GLU B 119 18.22 -21.69 18.36
N SER B 120 17.26 -22.57 18.05
CA SER B 120 16.43 -22.34 16.87
C SER B 120 15.51 -21.13 17.06
N PHE B 121 14.96 -20.98 18.27
CA PHE B 121 14.12 -19.81 18.56
C PHE B 121 14.91 -18.51 18.35
N ASP B 122 16.17 -18.51 18.78
CA ASP B 122 16.98 -17.30 18.67
C ASP B 122 17.40 -17.02 17.23
N ALA B 123 17.63 -18.07 16.42
CA ALA B 123 18.00 -17.85 15.03
C ALA B 123 16.85 -17.20 14.28
N LEU B 124 15.65 -17.68 14.51
CA LEU B 124 14.49 -17.00 13.93
C LEU B 124 14.37 -15.57 14.43
N ALA B 125 14.63 -15.36 15.72
CA ALA B 125 14.40 -14.04 16.29
C ALA B 125 15.29 -12.99 15.64
N ARG B 126 16.41 -13.40 15.07
CA ARG B 126 17.39 -12.45 14.57
C ARG B 126 17.57 -12.52 13.06
N THR B 127 16.79 -13.36 12.37
CA THR B 127 16.81 -13.40 10.91
C THR B 127 15.46 -13.10 10.27
N VAL B 128 14.35 -13.41 10.94
CA VAL B 128 13.03 -13.14 10.39
C VAL B 128 12.85 -11.64 10.20
N ASP B 129 12.31 -11.25 9.04
CA ASP B 129 12.14 -9.84 8.67
C ASP B 129 10.77 -9.32 9.07
N VAL B 130 9.79 -10.21 9.20
CA VAL B 130 8.42 -9.83 9.55
C VAL B 130 7.70 -11.10 9.96
N VAL B 131 6.71 -10.96 10.83
CA VAL B 131 5.94 -12.06 11.35
C VAL B 131 4.46 -11.81 11.07
N TYR B 132 3.79 -12.83 10.61
CA TYR B 132 2.32 -12.82 10.48
C TYR B 132 1.77 -13.83 11.49
N HIS B 133 1.22 -13.33 12.58
CA HIS B 133 0.73 -14.20 13.63
C HIS B 133 -0.73 -14.43 13.37
N ASN B 134 -1.00 -15.48 12.59
CA ASN B 134 -2.31 -15.87 12.14
C ASN B 134 -2.81 -17.16 12.79
N GLY B 135 -1.91 -17.95 13.36
CA GLY B 135 -2.30 -19.17 13.97
C GLY B 135 -2.98 -18.97 15.31
N ALA B 136 -3.98 -19.79 15.57
CA ALA B 136 -4.68 -19.77 16.84
C ALA B 136 -5.64 -20.95 16.84
N ARG B 137 -6.10 -21.32 18.03
CA ARG B 137 -7.05 -22.41 18.16
C ARG B 137 -8.44 -21.78 18.10
N VAL B 138 -9.19 -22.08 17.04
CA VAL B 138 -10.51 -21.50 16.80
C VAL B 138 -11.54 -22.57 17.12
N HIS B 139 -12.06 -22.56 18.35
CA HIS B 139 -13.09 -23.50 18.76
C HIS B 139 -14.16 -22.68 19.44
N TRP B 140 -15.36 -22.70 18.89
CA TRP B 140 -16.39 -21.77 19.32
C TRP B 140 -16.95 -22.11 20.69
N LEU B 141 -16.56 -23.24 21.27
CA LEU B 141 -17.12 -23.67 22.53
C LEU B 141 -16.09 -23.87 23.64
N LEU B 142 -14.84 -24.02 23.34
CA LEU B 142 -13.88 -24.29 24.40
C LEU B 142 -13.69 -23.07 25.29
N PRO B 143 -13.52 -23.27 26.60
CA PRO B 143 -13.30 -22.11 27.49
C PRO B 143 -11.95 -21.45 27.30
N TYR B 144 -11.87 -20.22 27.81
CA TYR B 144 -10.63 -19.45 27.66
C TYR B 144 -9.42 -20.18 28.24
N GLU B 145 -9.58 -20.80 29.40
CA GLU B 145 -8.47 -21.48 30.04
C GLU B 145 -7.86 -22.52 29.10
N THR B 146 -8.70 -23.24 28.35
CA THR B 146 -8.16 -24.23 27.41
C THR B 146 -7.43 -23.57 26.25
N LEU B 147 -7.93 -22.45 25.78
CA LEU B 147 -7.37 -21.81 24.60
C LEU B 147 -6.26 -20.82 24.91
N LYS B 148 -6.00 -20.52 26.18
CA LYS B 148 -5.05 -19.45 26.51
C LYS B 148 -3.64 -19.76 26.02
N ALA B 149 -3.16 -20.99 26.24
CA ALA B 149 -1.78 -21.29 25.91
C ALA B 149 -1.50 -21.00 24.45
N SER B 150 -2.39 -21.48 23.57
CA SER B 150 -2.17 -21.29 22.14
C SER B 150 -2.42 -19.86 21.69
N ASN B 151 -3.47 -19.23 22.22
CA ASN B 151 -3.92 -17.95 21.69
C ASN B 151 -3.33 -16.74 22.40
N VAL B 152 -3.04 -16.87 23.68
CA VAL B 152 -2.45 -15.78 24.44
C VAL B 152 -0.94 -16.01 24.64
N THR B 153 -0.56 -17.10 25.29
CA THR B 153 0.85 -17.29 25.56
C THR B 153 1.65 -17.44 24.27
N GLY B 154 1.07 -18.07 23.28
CA GLY B 154 1.77 -18.18 22.02
C GLY B 154 1.96 -16.84 21.35
N THR B 155 1.00 -15.92 21.58
CA THR B 155 1.16 -14.57 21.07
C THR B 155 2.31 -13.87 21.80
N GLU B 156 2.38 -14.02 23.12
CA GLU B 156 3.53 -13.49 23.84
C GLU B 156 4.82 -14.07 23.28
N GLU B 157 4.85 -15.39 23.05
CA GLU B 157 6.07 -16.02 22.54
C GLU B 157 6.42 -15.50 21.15
N VAL B 158 5.41 -15.30 20.31
CA VAL B 158 5.66 -14.71 19.00
C VAL B 158 6.17 -13.29 19.12
N LEU B 159 5.55 -12.51 20.00
CA LEU B 159 6.07 -11.16 20.22
C LEU B 159 7.49 -11.19 20.74
N ARG B 160 7.83 -12.19 21.57
CA ARG B 160 9.20 -12.33 22.07
C ARG B 160 10.17 -12.61 20.94
N LEU B 161 9.83 -13.55 20.07
CA LEU B 161 10.71 -13.83 18.94
C LEU B 161 10.89 -12.61 18.04
N ALA B 162 9.80 -11.91 17.73
CA ALA B 162 9.91 -10.74 16.86
C ALA B 162 10.77 -9.65 17.44
N ALA B 163 10.70 -9.47 18.76
CA ALA B 163 11.44 -8.38 19.39
C ALA B 163 12.91 -8.72 19.61
N ARG B 164 13.23 -9.95 19.95
CA ARG B 164 14.55 -10.25 20.47
C ARG B 164 15.64 -10.07 19.40
N HIS B 165 16.80 -9.59 19.83
CA HIS B 165 17.99 -9.47 18.99
C HIS B 165 17.85 -8.39 17.94
N ARG B 166 16.91 -8.54 17.01
CA ARG B 166 16.51 -7.50 16.09
C ARG B 166 15.00 -7.43 16.10
N THR B 167 14.45 -6.26 16.39
CA THR B 167 13.00 -6.10 16.45
C THR B 167 12.46 -5.86 15.05
N VAL B 168 11.44 -6.64 14.69
CA VAL B 168 10.80 -6.55 13.39
C VAL B 168 9.28 -6.52 13.60
N PRO B 169 8.51 -6.16 12.58
CA PRO B 169 7.06 -6.03 12.81
C PRO B 169 6.34 -7.35 12.95
N VAL B 170 5.27 -7.33 13.74
CA VAL B 170 4.29 -8.41 13.83
C VAL B 170 2.96 -7.91 13.25
N HIS B 171 2.33 -8.78 12.46
CA HIS B 171 0.99 -8.51 11.92
C HIS B 171 0.07 -9.60 12.45
N TYR B 172 -0.81 -9.20 13.35
CA TYR B 172 -1.63 -10.12 14.10
C TYR B 172 -3.04 -10.16 13.52
N VAL B 173 -3.52 -11.36 13.27
CA VAL B 173 -4.87 -11.53 12.76
C VAL B 173 -5.81 -11.62 13.95
N SER B 174 -6.77 -10.68 14.03
CA SER B 174 -7.72 -10.70 15.13
C SER B 174 -9.09 -10.83 14.52
N THR B 175 -10.12 -10.46 15.29
CA THR B 175 -11.51 -10.62 14.89
C THR B 175 -12.32 -9.43 15.41
N VAL B 176 -13.31 -9.02 14.60
CA VAL B 176 -14.23 -7.97 15.01
C VAL B 176 -15.08 -8.41 16.17
N GLY B 177 -15.05 -9.71 16.48
CA GLY B 177 -15.80 -10.21 17.63
C GLY B 177 -15.28 -9.75 18.99
N VAL B 178 -14.11 -9.09 19.02
CA VAL B 178 -13.66 -8.57 20.30
C VAL B 178 -14.50 -7.42 20.79
N PHE B 179 -15.40 -6.89 19.94
CA PHE B 179 -16.33 -5.85 20.30
C PHE B 179 -17.60 -6.45 20.91
N ASP B 180 -18.10 -5.83 21.98
CA ASP B 180 -19.36 -6.21 22.62
C ASP B 180 -20.49 -5.43 21.98
N GLY B 181 -20.69 -5.68 20.71
CA GLY B 181 -21.71 -4.98 19.96
C GLY B 181 -21.35 -3.53 19.69
N VAL B 182 -22.33 -2.80 19.17
CA VAL B 182 -22.11 -1.41 18.79
C VAL B 182 -21.88 -0.55 20.03
N ARG B 183 -21.04 0.46 19.90
CA ARG B 183 -20.71 1.30 21.03
C ARG B 183 -21.78 2.35 21.26
N GLU B 184 -22.16 3.08 20.20
CA GLU B 184 -23.34 3.92 20.22
C GLU B 184 -24.21 3.57 19.03
N PRO B 185 -25.54 3.48 19.21
CA PRO B 185 -26.41 2.96 18.14
C PRO B 185 -26.24 3.71 16.83
N GLY B 186 -26.21 2.96 15.74
CA GLY B 186 -26.07 3.53 14.43
C GLY B 186 -24.67 3.94 14.03
N VAL B 187 -23.70 3.93 14.95
CA VAL B 187 -22.37 4.48 14.68
C VAL B 187 -21.43 3.30 14.41
N PRO B 188 -20.77 3.24 13.26
CA PRO B 188 -19.87 2.11 13.01
C PRO B 188 -18.73 2.09 14.00
N LEU B 189 -18.37 0.86 14.39
CA LEU B 189 -17.31 0.65 15.37
C LEU B 189 -15.97 1.09 14.78
N ARG B 190 -15.26 1.94 15.54
CA ARG B 190 -13.98 2.49 15.13
C ARG B 190 -12.81 1.63 15.60
N VAL B 191 -11.72 1.69 14.83
CA VAL B 191 -10.55 0.92 15.26
C VAL B 191 -10.07 1.37 16.63
N THR B 192 -10.41 2.59 17.01
CA THR B 192 -10.07 3.18 18.29
C THR B 192 -11.09 2.93 19.40
N ASP B 193 -12.25 2.35 19.10
CA ASP B 193 -13.25 2.16 20.13
C ASP B 193 -12.80 1.12 21.15
N PRO B 194 -13.23 1.25 22.39
CA PRO B 194 -12.92 0.22 23.39
C PRO B 194 -13.45 -1.13 22.98
N THR B 195 -12.71 -2.19 23.30
CA THR B 195 -13.14 -3.55 23.03
C THR B 195 -13.57 -4.21 24.33
N GLY B 196 -14.28 -5.31 24.20
CA GLY B 196 -14.71 -6.03 25.37
C GLY B 196 -15.73 -5.27 26.18
N PRO B 197 -15.69 -5.42 27.50
CA PRO B 197 -14.77 -6.25 28.30
C PRO B 197 -14.90 -7.74 27.97
N ALA B 198 -13.84 -8.50 28.25
CA ALA B 198 -13.87 -9.92 27.97
C ALA B 198 -15.11 -10.58 28.54
N GLU B 199 -15.48 -10.23 29.78
CA GLU B 199 -16.61 -10.88 30.45
C GLU B 199 -17.88 -10.78 29.64
N SER B 200 -17.99 -9.78 28.77
CA SER B 200 -19.19 -9.60 27.98
C SER B 200 -19.11 -10.28 26.62
N LEU B 201 -17.98 -10.91 26.30
CA LEU B 201 -17.87 -11.62 25.04
C LEU B 201 -18.36 -13.07 25.20
N PRO B 202 -19.01 -13.62 24.18
CA PRO B 202 -19.83 -14.82 24.40
C PRO B 202 -19.08 -16.15 24.40
N SER B 203 -17.79 -16.18 24.08
CA SER B 203 -17.09 -17.46 23.97
C SER B 203 -15.69 -17.35 24.49
N GLY B 204 -15.13 -18.48 24.92
CA GLY B 204 -13.73 -18.50 25.32
C GLY B 204 -12.82 -18.07 24.18
N TYR B 205 -13.17 -18.45 22.95
CA TYR B 205 -12.32 -18.08 21.82
C TYR B 205 -12.19 -16.58 21.72
N LEU B 206 -13.31 -15.88 21.71
CA LEU B 206 -13.25 -14.42 21.56
C LEU B 206 -12.58 -13.77 22.77
N ARG B 207 -12.79 -14.35 23.94
CA ARG B 207 -12.15 -13.77 25.11
C ARG B 207 -10.63 -13.92 24.99
N SER B 208 -10.17 -15.03 24.40
CA SER B 208 -8.74 -15.24 24.24
C SER B 208 -8.18 -14.25 23.22
N LYS B 209 -8.97 -13.92 22.19
CA LYS B 209 -8.49 -12.96 21.20
C LYS B 209 -8.47 -11.56 21.80
N TRP B 210 -9.44 -11.25 22.65
CA TRP B 210 -9.41 -9.98 23.34
C TRP B 210 -8.14 -9.86 24.17
N VAL B 211 -7.82 -10.89 24.97
CA VAL B 211 -6.63 -10.84 25.81
C VAL B 211 -5.41 -10.64 24.93
N ALA B 212 -5.35 -11.38 23.83
CA ALA B 212 -4.21 -11.27 22.92
C ALA B 212 -4.01 -9.84 22.47
N GLU B 213 -5.10 -9.21 22.06
CA GLU B 213 -5.00 -7.81 21.66
C GLU B 213 -4.46 -6.98 22.80
N GLN B 214 -4.92 -7.21 24.03
CA GLN B 214 -4.49 -6.40 25.15
C GLN B 214 -3.01 -6.62 25.45
N VAL B 215 -2.56 -7.87 25.35
CA VAL B 215 -1.12 -8.12 25.45
C VAL B 215 -0.38 -7.36 24.35
N ILE B 216 -0.94 -7.33 23.15
CA ILE B 216 -0.30 -6.61 22.06
C ILE B 216 -0.25 -5.11 22.36
N GLU B 217 -1.26 -4.60 23.04
CA GLU B 217 -1.22 -3.18 23.39
C GLU B 217 -0.07 -2.90 24.33
N VAL B 218 0.25 -3.86 25.20
CA VAL B 218 1.39 -3.65 26.08
C VAL B 218 2.67 -3.60 25.24
N ALA B 219 2.79 -4.51 24.28
CA ALA B 219 3.99 -4.54 23.45
C ALA B 219 4.12 -3.24 22.67
N ARG B 220 3.00 -2.74 22.14
CA ARG B 220 3.02 -1.48 21.41
C ARG B 220 3.50 -0.33 22.28
N ASP B 221 3.00 -0.25 23.52
CA ASP B 221 3.36 0.86 24.39
C ASP B 221 4.83 0.77 24.75
N ARG B 222 5.41 -0.41 24.76
CA ARG B 222 6.84 -0.55 24.99
C ARG B 222 7.66 -0.15 23.77
N GLY B 223 7.01 0.11 22.64
CA GLY B 223 7.69 0.51 21.43
C GLY B 223 7.78 -0.52 20.33
N LEU B 224 7.15 -1.68 20.49
CA LEU B 224 7.26 -2.75 19.50
C LEU B 224 6.25 -2.52 18.37
N PRO B 225 6.69 -2.67 17.09
CA PRO B 225 5.77 -2.51 15.96
C PRO B 225 4.86 -3.71 15.81
N VAL B 226 3.58 -3.51 16.08
CA VAL B 226 2.61 -4.59 15.96
C VAL B 226 1.35 -4.01 15.32
N SER B 227 0.94 -4.55 14.19
CA SER B 227 -0.33 -4.20 13.58
C SER B 227 -1.35 -5.30 13.88
N VAL B 228 -2.62 -4.91 13.90
CA VAL B 228 -3.73 -5.80 14.21
C VAL B 228 -4.75 -5.68 13.09
N TYR B 229 -5.21 -6.81 12.58
CA TYR B 229 -6.22 -6.84 11.53
C TYR B 229 -7.44 -7.59 12.04
N ARG B 230 -8.49 -6.83 12.37
CA ARG B 230 -9.71 -7.39 12.93
C ARG B 230 -10.55 -7.82 11.75
N VAL B 231 -10.72 -9.15 11.57
CA VAL B 231 -11.41 -9.70 10.40
C VAL B 231 -12.77 -10.22 10.79
N ASP B 232 -13.74 -10.08 9.90
CA ASP B 232 -15.09 -10.60 10.05
C ASP B 232 -15.04 -12.05 9.63
N VAL B 233 -16.20 -12.72 9.61
CA VAL B 233 -16.25 -14.10 9.13
C VAL B 233 -15.84 -14.16 7.66
N ILE B 234 -14.94 -15.06 7.36
CA ILE B 234 -14.28 -15.15 6.08
C ILE B 234 -14.99 -16.15 5.19
N SER B 235 -15.19 -15.83 3.92
CA SER B 235 -15.81 -16.72 2.94
C SER B 235 -14.80 -17.10 1.89
N GLY B 236 -15.24 -17.89 0.94
CA GLY B 236 -14.32 -18.51 0.01
C GLY B 236 -13.62 -17.54 -0.92
N ASP B 237 -12.59 -18.03 -1.60
CA ASP B 237 -11.83 -17.21 -2.52
C ASP B 237 -12.60 -17.03 -3.82
N ARG B 238 -12.31 -15.95 -4.52
CA ARG B 238 -13.11 -15.57 -5.68
C ARG B 238 -12.80 -16.42 -6.91
N VAL B 239 -11.67 -17.09 -6.94
CA VAL B 239 -11.30 -17.85 -8.12
C VAL B 239 -11.87 -19.26 -8.08
N ASN B 240 -11.78 -19.93 -6.92
CA ASN B 240 -12.17 -21.32 -6.81
C ASN B 240 -13.31 -21.54 -5.83
N GLY B 241 -13.67 -20.55 -5.02
CA GLY B 241 -14.71 -20.77 -4.03
C GLY B 241 -14.26 -21.53 -2.81
N ALA B 242 -12.96 -21.77 -2.63
CA ALA B 242 -12.49 -22.61 -1.55
C ALA B 242 -12.70 -21.92 -0.20
N CYS B 243 -13.30 -22.63 0.74
CA CYS B 243 -13.68 -22.03 2.01
C CYS B 243 -13.70 -23.11 3.07
N GLN B 244 -13.44 -22.74 4.32
CA GLN B 244 -13.55 -23.73 5.39
C GLN B 244 -15.02 -24.08 5.60
N THR B 245 -15.27 -25.15 6.35
CA THR B 245 -16.60 -25.76 6.35
C THR B 245 -17.45 -25.36 7.56
N ARG B 246 -16.83 -24.84 8.62
CA ARG B 246 -17.52 -24.78 9.90
C ARG B 246 -17.95 -23.36 10.31
N ASP B 247 -18.14 -22.44 9.39
CA ASP B 247 -18.54 -21.11 9.82
C ASP B 247 -20.07 -20.94 9.83
N PHE B 248 -20.50 -19.97 10.63
CA PHE B 248 -21.92 -19.72 10.83
C PHE B 248 -22.69 -19.60 9.53
N VAL B 249 -22.12 -18.89 8.56
CA VAL B 249 -22.86 -18.62 7.33
C VAL B 249 -23.18 -19.94 6.61
N TRP B 250 -22.17 -20.74 6.38
CA TRP B 250 -22.40 -21.89 5.51
C TRP B 250 -23.03 -23.09 6.23
N LEU B 251 -22.89 -23.14 7.56
CA LEU B 251 -23.63 -24.12 8.33
C LEU B 251 -25.10 -23.72 8.40
N THR B 252 -25.40 -22.43 8.40
CA THR B 252 -26.77 -21.97 8.30
C THR B 252 -27.38 -22.44 6.99
N LEU B 253 -26.69 -22.17 5.89
CA LEU B 253 -27.26 -22.56 4.60
C LEU B 253 -27.28 -24.08 4.44
N LYS B 254 -26.29 -24.79 4.98
CA LYS B 254 -26.32 -26.24 4.96
C LYS B 254 -27.53 -26.75 5.72
N GLY B 255 -27.83 -26.13 6.85
CA GLY B 255 -28.98 -26.58 7.62
C GLY B 255 -30.30 -26.34 6.90
N LEU B 256 -30.40 -25.21 6.20
CA LEU B 256 -31.60 -24.99 5.42
C LEU B 256 -31.78 -26.08 4.39
N ILE B 257 -30.72 -26.37 3.63
CA ILE B 257 -30.75 -27.45 2.63
C ILE B 257 -31.17 -28.78 3.28
N GLN B 258 -30.54 -29.12 4.40
CA GLN B 258 -30.86 -30.36 5.08
C GLN B 258 -32.31 -30.36 5.50
N ALA B 259 -32.79 -29.25 6.06
CA ALA B 259 -34.19 -29.17 6.46
C ALA B 259 -35.14 -29.11 5.27
N ARG B 260 -34.62 -28.84 4.08
CA ARG B 260 -35.42 -28.76 2.87
C ARG B 260 -36.50 -27.72 3.00
N SER B 261 -36.33 -26.78 3.93
CA SER B 261 -37.34 -25.78 4.21
C SER B 261 -36.70 -24.60 4.93
N VAL B 262 -37.40 -23.47 4.89
CA VAL B 262 -36.94 -22.23 5.51
C VAL B 262 -38.10 -21.59 6.22
N PRO B 263 -37.84 -20.82 7.28
CA PRO B 263 -38.92 -20.24 8.08
C PRO B 263 -39.49 -19.00 7.39
N LYS B 264 -40.82 -18.98 7.27
CA LYS B 264 -41.50 -17.89 6.60
C LYS B 264 -41.34 -16.59 7.37
N GLY B 265 -41.29 -15.49 6.64
CA GLY B 265 -41.24 -14.18 7.27
C GLY B 265 -39.92 -13.89 7.96
N THR B 266 -38.89 -14.61 7.61
CA THR B 266 -37.62 -14.50 8.30
C THR B 266 -36.61 -13.90 7.32
N GLU B 267 -35.94 -12.85 7.76
CA GLU B 267 -34.91 -12.23 6.93
C GLU B 267 -33.66 -11.94 7.73
N GLY B 268 -32.55 -11.94 7.03
CA GLY B 268 -31.27 -11.60 7.61
C GLY B 268 -30.27 -11.25 6.54
N ARG B 269 -28.98 -11.37 6.86
CA ARG B 269 -27.97 -11.05 5.84
C ARG B 269 -26.63 -11.62 6.25
N PHE B 270 -25.73 -11.79 5.27
CA PHE B 270 -24.40 -12.29 5.49
C PHE B 270 -23.42 -11.36 4.80
N HIS B 271 -22.49 -10.79 5.58
CA HIS B 271 -21.47 -9.88 5.07
C HIS B 271 -20.29 -10.73 4.62
N LEU B 272 -20.43 -11.37 3.48
CA LEU B 272 -19.39 -12.29 3.04
C LEU B 272 -18.07 -11.57 2.72
N LEU B 273 -16.98 -12.13 3.19
CA LEU B 273 -15.67 -11.50 3.09
C LEU B 273 -14.71 -12.52 2.49
N PRO B 274 -14.49 -12.50 1.19
CA PRO B 274 -13.64 -13.51 0.56
C PRO B 274 -12.23 -13.53 1.13
N VAL B 275 -11.75 -14.76 1.36
CA VAL B 275 -10.49 -14.97 2.07
C VAL B 275 -9.32 -14.34 1.29
N ASP B 276 -9.41 -14.30 -0.03
CA ASP B 276 -8.31 -13.80 -0.84
C ASP B 276 -8.24 -12.28 -0.86
N TYR B 277 -9.31 -11.59 -0.49
CA TYR B 277 -9.19 -10.17 -0.16
C TYR B 277 -8.52 -10.00 1.19
N VAL B 278 -8.85 -10.86 2.15
CA VAL B 278 -8.27 -10.70 3.47
C VAL B 278 -6.76 -10.90 3.42
N SER B 279 -6.31 -11.97 2.75
CA SER B 279 -4.88 -12.23 2.68
C SER B 279 -4.16 -11.17 1.87
N ALA B 280 -4.79 -10.73 0.77
CA ALA B 280 -4.11 -9.74 -0.06
C ALA B 280 -3.98 -8.40 0.67
N ALA B 281 -4.97 -8.09 1.49
CA ALA B 281 -4.99 -6.83 2.22
C ALA B 281 -3.97 -6.85 3.34
N ILE B 282 -3.94 -7.96 4.10
CA ILE B 282 -3.00 -8.05 5.21
C ILE B 282 -1.58 -7.98 4.68
N THR B 283 -1.29 -8.72 3.61
CA THR B 283 0.07 -8.75 3.12
C THR B 283 0.45 -7.41 2.50
N GLY B 284 -0.46 -6.84 1.74
CA GLY B 284 -0.15 -5.58 1.08
C GLY B 284 0.01 -4.44 2.07
N ILE B 285 -0.89 -4.34 3.04
CA ILE B 285 -0.75 -3.29 4.04
C ILE B 285 0.54 -3.48 4.83
N SER B 286 0.87 -4.75 5.14
CA SER B 286 2.06 -5.02 5.94
C SER B 286 3.30 -4.49 5.25
N ARG B 287 3.25 -4.33 3.93
CA ARG B 287 4.45 -3.96 3.17
C ARG B 287 4.57 -2.45 2.93
N GLN B 288 3.63 -1.70 3.42
CA GLN B 288 3.57 -0.28 3.10
C GLN B 288 4.60 0.48 3.91
N PRO B 289 5.42 1.29 3.26
CA PRO B 289 6.47 1.97 4.02
C PRO B 289 5.93 2.86 5.11
N GLY B 290 4.76 3.48 4.92
CA GLY B 290 4.29 4.46 5.90
C GLY B 290 3.23 3.97 6.87
N THR B 291 3.14 2.65 7.04
CA THR B 291 2.16 2.04 7.93
C THR B 291 2.85 1.21 9.00
N VAL B 292 2.80 1.69 10.25
CA VAL B 292 3.49 1.05 11.37
C VAL B 292 2.53 0.97 12.54
N GLY B 293 2.39 -0.23 13.09
CA GLY B 293 1.68 -0.40 14.34
C GLY B 293 0.25 0.08 14.41
N ARG B 294 -0.51 -0.13 13.36
CA ARG B 294 -1.89 0.30 13.26
C ARG B 294 -2.83 -0.89 13.40
N THR B 295 -4.10 -0.58 13.61
CA THR B 295 -5.17 -1.54 13.70
C THR B 295 -6.13 -1.27 12.56
N PHE B 296 -6.56 -2.33 11.90
CA PHE B 296 -7.44 -2.23 10.75
C PHE B 296 -8.64 -3.15 10.94
N HIS B 297 -9.78 -2.73 10.44
CA HIS B 297 -10.99 -3.55 10.35
C HIS B 297 -11.19 -4.03 8.92
N LEU B 298 -11.32 -5.34 8.76
CA LEU B 298 -11.57 -5.97 7.47
C LEU B 298 -12.98 -6.54 7.54
N PHE B 299 -13.89 -5.97 6.75
CA PHE B 299 -15.32 -6.20 6.92
C PHE B 299 -15.99 -5.71 5.66
N ASN B 300 -16.91 -6.49 5.15
CA ASN B 300 -17.63 -6.14 3.93
C ASN B 300 -18.86 -5.36 4.33
N GLN B 301 -18.91 -4.09 3.92
CA GLN B 301 -20.11 -3.27 4.16
C GLN B 301 -21.31 -3.87 3.43
N SER B 302 -21.05 -4.59 2.35
CA SER B 302 -22.10 -5.17 1.53
C SER B 302 -22.38 -6.59 2.00
N SER B 303 -23.55 -7.10 1.62
CA SER B 303 -23.99 -8.39 2.10
C SER B 303 -24.93 -9.01 1.08
N LEU B 304 -25.25 -10.29 1.30
CA LEU B 304 -26.35 -10.96 0.60
C LEU B 304 -27.44 -11.20 1.63
N ALA B 305 -28.66 -10.86 1.28
CA ALA B 305 -29.76 -11.11 2.19
C ALA B 305 -29.99 -12.62 2.33
N LEU B 306 -30.43 -13.04 3.52
CA LEU B 306 -30.82 -14.43 3.68
C LEU B 306 -31.80 -14.83 2.58
N SER B 307 -32.79 -13.97 2.28
CA SER B 307 -33.75 -14.33 1.25
C SER B 307 -33.05 -14.55 -0.07
N GLN B 308 -32.00 -13.76 -0.34
CA GLN B 308 -31.28 -13.90 -1.59
C GLN B 308 -30.56 -15.25 -1.66
N CYS B 309 -29.93 -15.65 -0.56
CA CYS B 309 -29.25 -16.93 -0.55
C CYS B 309 -30.23 -18.08 -0.74
N VAL B 310 -31.36 -18.05 -0.05
CA VAL B 310 -32.37 -19.08 -0.25
C VAL B 310 -32.79 -19.14 -1.72
N GLU B 311 -33.08 -17.99 -2.30
CA GLU B 311 -33.54 -17.98 -3.69
C GLU B 311 -32.45 -18.47 -4.62
N LEU B 312 -31.19 -18.13 -4.33
CA LEU B 312 -30.10 -18.61 -5.16
C LEU B 312 -30.02 -20.13 -5.11
N LEU B 313 -30.15 -20.70 -3.91
CA LEU B 313 -30.12 -22.14 -3.77
C LEU B 313 -31.31 -22.81 -4.45
N ARG B 314 -32.48 -22.18 -4.41
CA ARG B 314 -33.62 -22.74 -5.12
C ARG B 314 -33.37 -22.78 -6.62
N SER B 315 -32.81 -21.69 -7.17
CA SER B 315 -32.46 -21.67 -8.60
C SER B 315 -31.41 -22.72 -8.96
N LEU B 316 -30.65 -23.21 -7.98
CA LEU B 316 -29.72 -24.30 -8.20
C LEU B 316 -30.38 -25.67 -8.08
N GLY B 317 -31.65 -25.73 -7.68
CA GLY B 317 -32.36 -26.97 -7.61
C GLY B 317 -32.58 -27.45 -6.20
N TYR B 318 -32.14 -26.73 -5.17
CA TYR B 318 -32.38 -27.15 -3.80
C TYR B 318 -33.84 -26.89 -3.43
N GLU B 319 -34.43 -27.83 -2.72
CA GLU B 319 -35.81 -27.72 -2.27
C GLU B 319 -35.81 -26.99 -0.94
N LEU B 320 -36.39 -25.77 -0.92
CA LEU B 320 -36.47 -24.93 0.27
C LEU B 320 -37.87 -24.33 0.33
N ASP B 321 -38.81 -25.14 0.78
CA ASP B 321 -40.18 -24.67 0.95
C ASP B 321 -40.29 -23.79 2.19
N GLU B 322 -41.08 -22.74 2.07
CA GLU B 322 -41.36 -21.87 3.21
C GLU B 322 -42.36 -22.51 4.13
N VAL B 323 -42.06 -22.55 5.42
CA VAL B 323 -42.98 -23.09 6.42
C VAL B 323 -42.99 -22.21 7.65
N ASP B 324 -43.98 -22.39 8.50
CA ASP B 324 -44.06 -21.60 9.71
C ASP B 324 -42.85 -21.86 10.61
N TRP B 325 -42.53 -20.87 11.45
CA TRP B 325 -41.30 -20.93 12.25
C TRP B 325 -41.24 -22.20 13.09
N ASP B 326 -42.32 -22.50 13.84
CA ASP B 326 -42.32 -23.63 14.74
C ASP B 326 -42.09 -24.94 13.99
N THR B 327 -42.79 -25.12 12.89
CA THR B 327 -42.56 -26.30 12.06
C THR B 327 -41.09 -26.42 11.66
N TRP B 328 -40.50 -25.30 11.23
CA TRP B 328 -39.13 -25.31 10.76
C TRP B 328 -38.17 -25.71 11.88
N THR B 329 -38.31 -25.10 13.06
CA THR B 329 -37.38 -25.41 14.14
C THR B 329 -37.49 -26.86 14.58
N GLN B 330 -38.69 -27.42 14.57
CA GLN B 330 -38.86 -28.81 14.93
C GLN B 330 -38.14 -29.69 13.93
N VAL B 331 -38.15 -29.34 12.64
CA VAL B 331 -37.36 -30.08 11.67
C VAL B 331 -35.88 -29.98 12.02
N VAL B 332 -35.39 -28.77 12.29
CA VAL B 332 -33.98 -28.58 12.58
C VAL B 332 -33.57 -29.36 13.81
N THR B 333 -34.41 -29.37 14.84
CA THR B 333 -34.04 -30.04 16.07
C THR B 333 -34.36 -31.53 16.03
N SER B 334 -34.96 -32.03 14.95
CA SER B 334 -35.20 -33.46 14.74
C SER B 334 -33.92 -34.27 14.71
N GLY B 335 -32.80 -33.68 14.35
CA GLY B 335 -31.54 -34.37 14.28
C GLY B 335 -30.86 -34.16 12.95
N ASP B 336 -29.55 -34.42 12.91
CA ASP B 336 -28.75 -34.37 11.68
C ASP B 336 -29.01 -33.09 10.89
N ASN B 337 -28.77 -31.97 11.54
CA ASN B 337 -28.89 -30.67 10.91
C ASN B 337 -27.80 -29.75 11.43
N ALA B 338 -27.04 -29.17 10.52
CA ALA B 338 -25.90 -28.36 10.91
C ALA B 338 -26.33 -27.13 11.70
N LEU B 339 -27.61 -26.74 11.62
CA LEU B 339 -28.04 -25.54 12.31
C LEU B 339 -28.40 -25.79 13.77
N LEU B 340 -28.60 -27.02 14.15
CA LEU B 340 -29.10 -27.31 15.49
C LEU B 340 -28.29 -26.62 16.58
N PRO B 341 -26.96 -26.72 16.62
CA PRO B 341 -26.20 -25.99 17.65
C PRO B 341 -26.24 -24.49 17.47
N LEU B 342 -26.61 -24.01 16.29
CA LEU B 342 -26.59 -22.59 15.96
C LEU B 342 -27.99 -21.96 15.94
N LEU B 343 -29.01 -22.71 16.37
CA LEU B 343 -30.38 -22.24 16.30
C LEU B 343 -30.55 -20.93 17.06
N ASP B 344 -29.93 -20.82 18.24
CA ASP B 344 -30.01 -19.57 18.99
C ASP B 344 -29.38 -18.43 18.18
N ALA B 345 -28.19 -18.65 17.65
CA ALA B 345 -27.54 -17.58 16.91
C ALA B 345 -28.36 -17.18 15.70
N PHE B 346 -28.97 -18.15 15.04
CA PHE B 346 -29.78 -17.87 13.87
C PHE B 346 -31.00 -17.04 14.23
N GLU B 347 -31.68 -17.39 15.32
CA GLU B 347 -32.84 -16.63 15.74
C GLU B 347 -32.46 -15.19 16.09
N MET B 348 -31.36 -15.01 16.82
CA MET B 348 -30.91 -13.63 17.10
C MET B 348 -30.59 -12.91 15.81
N MET B 349 -29.86 -13.56 14.93
CA MET B 349 -29.41 -12.93 13.70
C MET B 349 -30.54 -12.46 12.83
N THR B 350 -31.63 -13.23 12.76
CA THR B 350 -32.76 -12.83 11.94
C THR B 350 -33.71 -11.90 12.67
N SER B 351 -33.90 -12.09 13.98
CA SER B 351 -34.88 -11.26 14.68
C SER B 351 -34.34 -9.86 14.93
N ASP B 352 -33.02 -9.68 15.02
CA ASP B 352 -32.40 -8.34 15.22
C ASP B 352 -31.12 -8.31 14.41
N THR B 353 -31.26 -8.19 13.10
CA THR B 353 -30.08 -8.36 12.25
C THR B 353 -29.09 -7.24 12.49
N ASP B 354 -29.57 -6.01 12.66
CA ASP B 354 -28.67 -4.89 12.87
C ASP B 354 -27.91 -5.03 14.18
N GLY B 355 -28.57 -5.56 15.21
CA GLY B 355 -27.86 -5.75 16.48
C GLY B 355 -26.90 -6.93 16.46
N PHE B 356 -27.23 -7.94 15.67
CA PHE B 356 -26.33 -9.09 15.53
C PHE B 356 -25.08 -8.75 14.72
N TYR B 357 -25.22 -7.89 13.70
CA TYR B 357 -24.11 -7.45 12.86
C TYR B 357 -23.92 -5.94 13.06
N PRO B 358 -23.29 -5.53 14.15
CA PRO B 358 -23.08 -4.10 14.37
C PRO B 358 -22.35 -3.49 13.20
N PRO B 359 -22.60 -2.23 12.87
CA PRO B 359 -21.81 -1.57 11.83
C PRO B 359 -20.35 -1.43 12.24
N ILE B 360 -19.48 -1.64 11.28
CA ILE B 360 -18.04 -1.70 11.49
C ILE B 360 -17.42 -0.67 10.57
N ASP B 361 -16.60 0.22 11.13
CA ASP B 361 -15.90 1.21 10.33
C ASP B 361 -14.68 0.58 9.66
N THR B 362 -14.63 0.61 8.33
CA THR B 362 -13.46 0.13 7.60
C THR B 362 -12.79 1.25 6.82
N ALA B 363 -13.10 2.52 7.07
CA ALA B 363 -12.59 3.60 6.20
C ALA B 363 -11.07 3.62 6.15
N GLU B 364 -10.41 3.34 7.28
CA GLU B 364 -8.96 3.32 7.32
C GLU B 364 -8.38 2.22 6.44
N THR B 365 -9.10 1.10 6.35
CA THR B 365 -8.67 0.01 5.50
C THR B 365 -8.90 0.37 4.03
N VAL B 366 -10.07 0.88 3.70
CA VAL B 366 -10.28 1.29 2.31
C VAL B 366 -9.23 2.32 1.89
N ALA B 367 -8.94 3.27 2.79
CA ALA B 367 -7.98 4.32 2.47
C ALA B 367 -6.60 3.73 2.23
N ALA B 368 -6.18 2.79 3.10
CA ALA B 368 -4.84 2.25 2.95
C ALA B 368 -4.72 1.48 1.65
N LEU B 369 -5.84 0.96 1.12
CA LEU B 369 -5.80 0.10 -0.06
C LEU B 369 -6.03 0.87 -1.32
N GLU B 370 -6.26 2.18 -1.24
CA GLU B 370 -6.57 2.96 -2.43
C GLU B 370 -5.48 2.79 -3.46
N GLY B 371 -5.87 2.48 -4.69
CA GLY B 371 -4.96 2.40 -5.79
C GLY B 371 -4.18 1.12 -5.87
N THR B 372 -4.35 0.22 -4.92
CA THR B 372 -3.56 -1.00 -4.91
C THR B 372 -4.18 -2.08 -5.75
N GLY B 373 -5.45 -1.90 -6.16
CA GLY B 373 -6.23 -2.93 -6.82
C GLY B 373 -6.76 -4.02 -5.90
N ILE B 374 -6.55 -3.91 -4.61
CA ILE B 374 -7.09 -4.86 -3.68
C ILE B 374 -8.43 -4.36 -3.20
N GLY B 375 -9.46 -5.16 -3.46
CA GLY B 375 -10.80 -4.81 -3.09
C GLY B 375 -11.65 -6.04 -2.87
N ILE B 376 -12.78 -5.86 -2.19
CA ILE B 376 -13.65 -7.00 -1.92
C ILE B 376 -14.39 -7.39 -3.19
N PRO B 377 -14.36 -8.66 -3.62
CA PRO B 377 -15.15 -9.07 -4.79
C PRO B 377 -16.60 -8.74 -4.60
N VAL B 378 -17.26 -8.39 -5.70
CA VAL B 378 -18.70 -8.17 -5.68
C VAL B 378 -19.43 -9.48 -5.41
N LEU B 379 -20.41 -9.44 -4.52
CA LEU B 379 -21.21 -10.60 -4.13
C LEU B 379 -22.23 -10.90 -5.21
N THR B 380 -21.73 -11.48 -6.28
CA THR B 380 -22.56 -11.82 -7.42
C THR B 380 -23.16 -13.22 -7.34
N ARG B 381 -24.12 -13.49 -8.24
CA ARG B 381 -24.59 -14.86 -8.38
C ARG B 381 -23.45 -15.83 -8.68
N GLU B 382 -22.61 -15.47 -9.65
CA GLU B 382 -21.48 -16.30 -10.04
C GLU B 382 -20.62 -16.67 -8.85
N LEU B 383 -20.31 -15.69 -7.99
CA LEU B 383 -19.50 -16.02 -6.80
C LEU B 383 -20.23 -17.01 -5.89
N PHE B 384 -21.48 -16.73 -5.57
CA PHE B 384 -22.21 -17.60 -4.68
C PHE B 384 -22.23 -19.02 -5.25
N GLU B 385 -22.41 -19.11 -6.55
CA GLU B 385 -22.49 -20.42 -7.17
C GLU B 385 -21.16 -21.14 -7.05
N LYS B 386 -20.06 -20.39 -7.15
CA LYS B 386 -18.75 -20.97 -6.96
C LYS B 386 -18.59 -21.52 -5.56
N TYR B 387 -19.07 -20.79 -4.57
CA TYR B 387 -18.97 -21.25 -3.19
C TYR B 387 -19.72 -22.55 -3.00
N VAL B 388 -20.94 -22.64 -3.55
CA VAL B 388 -21.73 -23.86 -3.42
C VAL B 388 -21.05 -25.00 -4.17
N ALA B 389 -20.61 -24.75 -5.42
CA ALA B 389 -19.96 -25.80 -6.18
C ALA B 389 -18.77 -26.38 -5.43
N PHE B 390 -17.98 -25.52 -4.82
CA PHE B 390 -16.83 -26.03 -4.10
C PHE B 390 -17.28 -26.95 -2.98
N PHE B 391 -18.30 -26.52 -2.21
CA PHE B 391 -18.77 -27.36 -1.10
C PHE B 391 -19.37 -28.68 -1.60
N VAL B 392 -20.10 -28.63 -2.72
CA VAL B 392 -20.65 -29.85 -3.27
C VAL B 392 -19.53 -30.76 -3.74
N GLU B 393 -18.55 -30.19 -4.46
CA GLU B 393 -17.44 -31.01 -4.95
C GLU B 393 -16.69 -31.62 -3.79
N GLU B 394 -16.54 -30.90 -2.69
CA GLU B 394 -15.76 -31.46 -1.57
C GLU B 394 -16.61 -32.25 -0.57
N GLY B 395 -17.86 -32.52 -0.86
CA GLY B 395 -18.68 -33.32 0.02
C GLY B 395 -19.34 -32.63 1.20
N HIS B 396 -19.20 -31.29 1.33
CA HIS B 396 -19.72 -30.57 2.48
C HIS B 396 -21.18 -30.20 2.30
N PHE B 397 -21.56 -29.79 1.10
CA PHE B 397 -22.97 -29.59 0.79
C PHE B 397 -23.46 -30.78 -0.03
N PRO B 398 -24.70 -31.21 0.16
CA PRO B 398 -25.26 -32.23 -0.73
C PRO B 398 -25.57 -31.61 -2.08
N ALA B 399 -25.62 -32.45 -3.08
CA ALA B 399 -26.02 -32.00 -4.40
C ALA B 399 -27.50 -31.65 -4.40
N ALA B 400 -27.89 -30.77 -5.32
CA ALA B 400 -29.29 -30.44 -5.48
C ALA B 400 -30.07 -31.67 -5.92
N GLY B 401 -31.21 -31.90 -5.28
CA GLY B 401 -32.03 -33.05 -5.61
C GLY B 401 -33.17 -33.27 -4.64
PA NDP C . 12.36 21.00 -7.07
O1A NDP C . 12.70 22.29 -7.78
O2A NDP C . 11.44 21.07 -5.87
O5B NDP C . 13.64 20.08 -6.68
C5B NDP C . 14.73 20.45 -7.50
C4B NDP C . 15.97 19.88 -6.83
O4B NDP C . 17.13 19.89 -7.77
C3B NDP C . 16.32 20.72 -5.55
O3B NDP C . 16.80 19.84 -4.53
C2B NDP C . 17.46 21.55 -6.06
O2B NDP C . 18.41 21.89 -5.17
C1B NDP C . 18.10 20.37 -7.06
N9A NDP C . 19.06 21.10 -7.92
C8A NDP C . 18.80 21.89 -9.05
N7A NDP C . 19.92 22.36 -9.62
C5A NDP C . 20.93 21.89 -8.84
C6A NDP C . 22.30 22.04 -8.90
N6A NDP C . 22.88 22.77 -9.91
N1A NDP C . 23.13 21.40 -7.98
C2A NDP C . 22.52 20.65 -7.03
N3A NDP C . 21.21 20.42 -6.83
C4A NDP C . 20.44 21.07 -7.79
O3 NDP C . 11.61 20.30 -8.34
PN NDP C . 10.99 18.78 -8.15
O1N NDP C . 11.22 18.09 -6.86
O2N NDP C . 9.64 18.79 -8.82
O5D NDP C . 11.95 17.94 -9.31
C5D NDP C . 12.32 16.66 -8.79
C4D NDP C . 12.59 15.81 -9.99
O4D NDP C . 11.28 15.56 -10.36
C3D NDP C . 13.23 16.56 -11.14
O3D NDP C . 14.15 15.62 -11.81
C2D NDP C . 12.07 16.86 -12.11
O2D NDP C . 12.47 16.76 -13.45
C1D NDP C . 11.16 15.66 -11.79
N1N NDP C . 9.74 15.86 -12.08
C2N NDP C . 8.96 16.72 -11.30
C3N NDP C . 7.65 16.89 -11.58
C7N NDP C . 6.90 17.80 -10.72
O7N NDP C . 7.35 18.38 -9.75
N7N NDP C . 5.61 18.04 -11.04
C4N NDP C . 7.00 16.21 -12.73
C5N NDP C . 7.94 15.41 -13.50
C6N NDP C . 9.17 15.23 -13.18
P2B NDP C . 18.36 23.61 -4.59
O1X NDP C . 17.49 23.44 -3.38
O2X NDP C . 19.86 23.86 -4.36
O3X NDP C . 17.70 24.27 -5.81
H51A NDP C . 14.63 20.11 -8.40
H52A NDP C . 14.80 21.42 -7.58
H4B NDP C . 15.79 18.95 -6.62
H3B NDP C . 15.60 21.29 -5.24
HO3A NDP C . 17.53 20.14 -4.32
H2B NDP C . 17.09 22.30 -6.56
H1B NDP C . 18.52 19.61 -6.62
H8A NDP C . 17.93 22.05 -9.34
H61A NDP C . 23.10 22.39 -10.66
H62A NDP C . 23.03 23.61 -9.78
H2A NDP C . 23.11 20.22 -6.45
H51N NDP C . 13.11 16.70 -8.23
H52N NDP C . 11.65 16.25 -8.24
H4D NDP C . 13.18 15.06 -9.82
H3D NDP C . 13.63 17.38 -10.80
HO3N NDP C . 14.91 15.94 -11.62
H2D NDP C . 11.64 17.72 -11.94
HO2N NDP C . 13.23 17.08 -13.48
H1D NDP C . 11.44 14.86 -12.28
H2N NDP C . 9.36 17.15 -10.59
H71N NDP C . 5.26 17.67 -11.75
H72N NDP C . 5.12 18.57 -10.58
H41N NDP C . 6.59 16.87 -13.32
H42N NDP C . 6.28 15.65 -12.42
H5N NDP C . 7.61 14.99 -14.27
H6N NDP C . 9.73 14.66 -13.67
C1 GOL D . 1.09 6.02 -1.20
O1 GOL D . -0.31 6.29 -1.53
C2 GOL D . 1.16 4.46 -1.30
O2 GOL D . 2.06 3.94 -0.38
C3 GOL D . -0.30 3.96 -0.97
O3 GOL D . -0.27 2.62 -0.78
H11 GOL D . 1.34 6.31 -0.31
H12 GOL D . 1.71 6.43 -1.81
HO1 GOL D . -0.35 6.24 -2.37
H2 GOL D . 1.46 4.20 -2.18
HO2 GOL D . 1.72 4.00 0.41
H31 GOL D . -0.88 4.22 -1.70
H32 GOL D . -0.62 4.44 -0.20
C1 BTB E . -33.67 -7.74 1.54
O1 BTB E . -35.01 -8.16 1.80
C2 BTB E . -33.59 -6.18 1.61
C3 BTB E . -33.94 -5.66 0.18
O3 BTB E . -35.31 -5.74 -0.15
C4 BTB E . -32.11 -5.75 1.85
O4 BTB E . -31.96 -4.47 2.47
N BTB E . -34.53 -5.61 2.61
C5 BTB E . -34.87 -4.17 2.52
C6 BTB E . -36.21 -3.88 1.85
O6 BTB E . -37.28 -4.68 2.42
C7 BTB E . -34.32 -6.07 3.98
C8 BTB E . -35.53 -5.98 4.89
O8 BTB E . -36.45 -7.01 4.57
H11 BTB E . -33.37 -8.03 0.67
H12 BTB E . -33.04 -8.13 2.18
HO1 BTB E . -34.96 -8.77 2.40
H31 BTB E . -33.65 -4.74 0.10
H32 BTB E . -33.44 -6.16 -0.47
HO3 BTB E . -35.36 -5.40 -0.91
H41 BTB E . -31.67 -6.42 2.40
H42 BTB E . -31.65 -5.75 1.00
HO4 BTB E . -31.99 -3.90 1.84
H51 BTB E . -34.19 -3.69 2.02
H52 BTB E . -34.87 -3.75 3.39
H61 BTB E . -36.14 -4.05 0.91
H62 BTB E . -36.41 -2.93 1.97
HO6 BTB E . -37.06 -5.50 2.28
H71 BTB E . -34.02 -7.00 4.00
H72 BTB E . -33.60 -5.57 4.41
H81 BTB E . -35.24 -6.05 5.81
H82 BTB E . -35.93 -5.11 4.78
HO8 BTB E . -36.01 -7.67 4.23
PA NDP F . -7.95 -22.42 11.06
O1A NDP F . -8.47 -23.23 12.22
O2A NDP F . -8.44 -22.62 9.66
O5B NDP F . -6.29 -22.36 11.02
C5B NDP F . -5.87 -22.22 12.33
C4B NDP F . -4.36 -22.41 12.30
O4B NDP F . -3.88 -22.26 13.66
C3B NDP F . -3.97 -23.82 11.75
O3B NDP F . -2.80 -23.71 10.94
C2B NDP F . -3.59 -24.55 13.05
O2B NDP F . -2.58 -25.43 12.90
C1B NDP F . -3.01 -23.25 13.84
N9A NDP F . -2.86 -23.60 15.26
C8A NDP F . -3.81 -23.70 16.26
N7A NDP F . -3.28 -24.01 17.47
C5A NDP F . -1.95 -24.15 17.22
C6A NDP F . -0.86 -24.50 18.05
N6A NDP F . -1.06 -24.77 19.39
N1A NDP F . 0.41 -24.51 17.56
C2A NDP F . 0.55 -24.23 16.23
N3A NDP F . -0.37 -23.91 15.30
C4A NDP F . -1.63 -23.87 15.84
O3 NDP F . -8.44 -20.96 11.62
PN NDP F . -8.61 -19.82 10.44
O1N NDP F . -7.53 -19.83 9.42
O2N NDP F . -10.05 -19.59 10.06
O5D NDP F . -8.27 -18.38 11.33
C5D NDP F . -7.04 -17.81 10.91
C4D NDP F . -6.77 -16.64 11.83
O4D NDP F . -7.86 -15.71 11.48
C3D NDP F . -6.95 -16.92 13.32
O3D NDP F . -6.02 -16.02 13.99
C2D NDP F . -8.37 -16.56 13.67
O2D NDP F . -8.53 -16.06 14.98
C1D NDP F . -8.57 -15.35 12.68
N1N NDP F . -9.92 -15.14 12.34
C2N NDP F . -10.60 -16.07 11.57
C3N NDP F . -11.80 -15.77 11.01
C7N NDP F . -12.45 -16.84 10.20
O7N NDP F . -11.93 -17.96 9.84
N7N NDP F . -13.72 -16.60 9.82
C4N NDP F . -12.48 -14.45 11.23
C5N NDP F . -11.78 -13.65 12.25
C6N NDP F . -10.58 -14.00 12.76
P2B NDP F . -3.07 -27.20 12.95
O1X NDP F . -3.26 -27.30 11.47
O2X NDP F . -1.82 -27.84 13.56
O3X NDP F . -4.31 -27.08 13.82
H51A NDP F . -6.10 -21.36 12.69
H52A NDP F . -6.29 -22.89 12.91
H4B NDP F . -3.96 -21.73 11.71
H3B NDP F . -4.70 -24.27 11.30
HO3A NDP F . -2.22 -24.10 11.35
H2B NDP F . -4.39 -24.89 13.46
H1B NDP F . -2.17 -22.91 13.53
H8A NDP F . -4.72 -23.57 16.09
H61A NDP F . -1.11 -24.10 19.96
H62A NDP F . -1.12 -25.58 19.65
H2A NDP F . 1.43 -24.28 15.94
H51N NDP F . -6.29 -18.43 10.94
H52N NDP F . -7.06 -17.51 9.99
H4D NDP F . -5.86 -16.31 11.72
H3D NDP F . -6.82 -17.87 13.48
HO3N NDP F . -5.61 -16.55 14.56
H2D NDP F . -8.98 -17.29 13.52
HO2N NDP F . -7.93 -16.48 15.42
H1D NDP F . -8.21 -14.53 13.07
H2N NDP F . -10.21 -16.91 11.44
H71N NDP F . -14.15 -17.20 9.37
H72N NDP F . -14.15 -15.89 10.06
H41N NDP F . -13.39 -14.59 11.50
H42N NDP F . -12.51 -13.94 10.41
H5N NDP F . -12.19 -12.88 12.55
H6N NDP F . -10.15 -13.49 13.41
C1 GOL G . 13.36 -1.66 6.09
O1 GOL G . 14.59 -2.24 6.51
C2 GOL G . 12.44 -2.79 5.65
O2 GOL G . 11.25 -2.23 5.13
C3 GOL G . 13.19 -3.58 4.62
O3 GOL G . 12.28 -4.54 4.04
H11 GOL G . 13.48 -1.04 5.35
H12 GOL G . 12.93 -1.16 6.80
HO1 GOL G . 15.03 -1.61 6.88
H2 GOL G . 12.20 -3.38 6.38
HO2 GOL G . 10.92 -1.72 5.73
H31 GOL G . 13.95 -3.98 5.04
H32 GOL G . 13.55 -2.95 3.96
HO3 GOL G . 12.70 -5.25 3.95
#